data_3P0V
#
_entry.id   3P0V
#
_cell.length_a   71.375
_cell.length_b   77.168
_cell.length_c   82.664
_cell.angle_alpha   90.00
_cell.angle_beta   99.53
_cell.angle_gamma   90.00
#
_symmetry.space_group_name_H-M   'P 1 21 1'
#
loop_
_entity.id
_entity.type
_entity.pdbx_description
1 polymer 'Fab DL11 light chain'
2 polymer 'Fab DL11 heavy chain'
3 non-polymer 'CALCIUM ION'
4 water water
#
loop_
_entity_poly.entity_id
_entity_poly.type
_entity_poly.pdbx_seq_one_letter_code
_entity_poly.pdbx_strand_id
1 'polypeptide(L)'
;DIQMTQSPSSLSASVGDRVTITCRASQDLATDVAWYQQKPGKAPKLLIYSASFLYSGVPSRFSGSGSGTDFTLTISSLQP
EDFATYYCQQSEPEPYTFGQGTKVEIKRTVAAPSVFIFPPSDEQLKSGTASVVCLLNNFYPREAKVQWKVDNALQSGNSQ
ESVTEQDSKDSTYSLSSTLTLSKADYEKHKVYACEVTHQGLSSPVTKSFNRGEC
;
L,M
2 'polypeptide(L)'
;EVQLVESGGGLVQPGGSLRLSCAASGFTLSGDWIHWVRQAPGKGLEWLGEISAAGGYTDYADSVKGRFTISADTSKNTAY
LQMNSLRAEDTAVYYCARESRVSFEAAMDYWGQGTLVTVSSASTKGPSVFPLAPSSKSTSGGTAALGCLVKDYFPEPVTV
SWNSGALTSGVHTFPAVLQSSGLYSLSSVVTVPSSSLGTQTYICNVNHKPSNTKVDKKVEPKSCDKTH
;
H,I
#
# COMPACT_ATOMS: atom_id res chain seq x y z
N ASP A 1 35.92 18.80 10.25
CA ASP A 1 34.43 18.66 10.16
C ASP A 1 33.73 19.71 11.04
N ILE A 2 32.42 19.90 10.82
CA ILE A 2 31.66 20.96 11.48
C ILE A 2 30.83 20.50 12.68
N GLN A 3 31.11 21.08 13.84
CA GLN A 3 30.44 20.72 15.07
C GLN A 3 29.17 21.52 15.21
N MET A 4 28.22 20.96 15.93
CA MET A 4 27.06 21.73 16.33
C MET A 4 26.84 21.45 17.80
N THR A 5 27.05 22.48 18.63
CA THR A 5 26.98 22.33 20.08
C THR A 5 25.71 22.99 20.59
N GLN A 6 24.84 22.17 21.16
CA GLN A 6 23.53 22.64 21.58
C GLN A 6 23.47 22.93 23.07
N SER A 7 22.64 23.90 23.47
CA SER A 7 22.52 24.37 24.85
C SER A 7 21.09 24.78 25.20
N PRO A 8 20.56 24.24 26.31
CA PRO A 8 21.21 23.23 27.14
C PRO A 8 20.75 21.84 26.75
N SER A 9 21.04 20.84 27.57
CA SER A 9 20.60 19.48 27.28
C SER A 9 19.12 19.30 27.58
N SER A 10 18.64 20.03 28.59
CA SER A 10 17.25 19.89 29.03
C SER A 10 16.77 21.11 29.81
N LEU A 11 15.46 21.38 29.75
CA LEU A 11 14.91 22.48 30.55
C LEU A 11 13.44 22.33 30.87
N SER A 12 13.05 22.86 32.03
CA SER A 12 11.68 22.89 32.49
C SER A 12 11.19 24.32 32.40
N ALA A 13 9.98 24.53 31.91
CA ALA A 13 9.40 25.87 31.91
C ALA A 13 7.90 25.83 32.06
N SER A 14 7.34 26.86 32.68
CA SER A 14 5.90 27.02 32.84
C SER A 14 5.20 27.30 31.52
N VAL A 15 3.92 26.95 31.43
CA VAL A 15 3.10 27.30 30.29
C VAL A 15 2.99 28.83 30.24
N GLY A 16 3.21 29.39 29.05
CA GLY A 16 3.20 30.84 28.84
C GLY A 16 4.59 31.46 28.83
N ASP A 17 5.60 30.67 29.21
CA ASP A 17 6.96 31.17 29.32
C ASP A 17 7.65 31.32 27.99
N ARG A 18 8.72 32.11 27.99
CA ARG A 18 9.59 32.26 26.83
C ARG A 18 10.78 31.32 26.95
N VAL A 19 10.93 30.43 25.97
CA VAL A 19 12.05 29.49 25.96
C VAL A 19 13.05 29.75 24.83
N THR A 20 14.33 29.68 25.19
CA THR A 20 15.40 29.96 24.25
C THR A 20 16.42 28.84 24.23
N ILE A 21 16.66 28.33 23.03
CA ILE A 21 17.58 27.22 22.79
C ILE A 21 18.69 27.67 21.84
N THR A 22 19.90 27.25 22.13
CA THR A 22 21.07 27.80 21.48
C THR A 22 21.84 26.69 20.79
N CYS A 23 22.21 26.95 19.55
CA CYS A 23 23.08 26.06 18.82
C CYS A 23 24.26 26.86 18.37
N ARG A 24 25.40 26.20 18.29
CA ARG A 24 26.64 26.87 17.98
C ARG A 24 27.47 26.04 17.02
N ALA A 25 27.86 26.67 15.92
CA ALA A 25 28.65 26.03 14.89
C ALA A 25 30.12 26.35 15.07
N SER A 26 30.99 25.40 14.77
CA SER A 26 32.42 25.60 14.93
C SER A 26 32.96 26.46 13.78
N GLN A 27 32.21 26.50 12.68
CA GLN A 27 32.60 27.31 11.52
C GLN A 27 31.42 28.12 10.99
N ASP A 28 31.75 29.20 10.27
CA ASP A 28 30.78 30.03 9.58
C ASP A 28 29.86 29.19 8.68
N LEU A 29 28.59 29.07 9.09
CA LEU A 29 27.56 28.37 8.31
C LEU A 29 26.70 29.40 7.64
N ALA A 30 27.06 30.65 7.83
CA ALA A 30 26.26 31.77 7.36
C ALA A 30 24.81 31.70 7.88
N THR A 31 23.93 31.11 7.09
CA THR A 31 22.51 31.13 7.39
C THR A 31 21.85 29.74 7.21
N ASP A 32 22.69 28.71 7.06
CA ASP A 32 22.24 27.40 6.62
C ASP A 32 21.92 26.46 7.77
N VAL A 33 20.88 26.81 8.52
CA VAL A 33 20.57 26.08 9.72
C VAL A 33 19.10 25.75 9.76
N ALA A 34 18.78 24.55 10.28
CA ALA A 34 17.40 24.10 10.40
C ALA A 34 17.06 23.53 11.80
N TRP A 35 15.84 23.80 12.25
CA TRP A 35 15.35 23.31 13.54
C TRP A 35 14.25 22.26 13.39
N TYR A 36 14.30 21.22 14.21
CA TYR A 36 13.36 20.11 14.16
C TYR A 36 12.75 19.85 15.54
N GLN A 37 11.47 19.48 15.54
CA GLN A 37 10.80 19.13 16.77
C GLN A 37 10.50 17.65 16.73
N GLN A 38 11.11 16.90 17.63
CA GLN A 38 10.78 15.49 17.75
C GLN A 38 10.07 15.12 19.04
N LYS A 39 8.81 14.71 18.90
CA LYS A 39 8.06 14.15 20.00
C LYS A 39 8.43 12.67 20.10
N PRO A 40 8.29 12.06 21.31
CA PRO A 40 8.79 10.70 21.52
C PRO A 40 8.01 9.68 20.71
N GLY A 41 8.76 8.75 20.10
CA GLY A 41 8.16 7.73 19.23
C GLY A 41 7.53 8.27 17.94
N LYS A 42 7.84 9.52 17.61
CA LYS A 42 7.38 10.12 16.36
C LYS A 42 8.61 10.53 15.58
N ALA A 43 8.43 10.76 14.28
CA ALA A 43 9.51 11.25 13.43
C ALA A 43 9.74 12.74 13.71
N PRO A 44 10.98 13.23 13.49
CA PRO A 44 11.23 14.67 13.55
C PRO A 44 10.33 15.45 12.61
N LYS A 45 9.95 16.65 13.03
CA LYS A 45 9.11 17.57 12.27
C LYS A 45 9.90 18.86 12.03
N LEU A 46 9.98 19.29 10.77
CA LEU A 46 10.72 20.50 10.43
C LEU A 46 9.98 21.75 10.92
N LEU A 47 10.69 22.59 11.67
CA LEU A 47 10.18 23.88 12.21
C LEU A 47 10.72 25.09 11.46
N ILE A 48 12.05 25.16 11.34
CA ILE A 48 12.75 26.32 10.78
C ILE A 48 13.75 25.87 9.73
N TYR A 49 13.86 26.67 8.66
CA TYR A 49 14.93 26.51 7.68
C TYR A 49 15.57 27.85 7.39
N SER A 50 16.82 27.80 6.92
CA SER A 50 17.61 29.00 6.68
C SER A 50 17.70 29.92 7.90
N ALA A 51 17.74 29.31 9.08
CA ALA A 51 17.96 30.02 10.35
C ALA A 51 16.75 30.76 10.87
N SER A 52 15.94 31.35 10.00
CA SER A 52 14.84 32.22 10.49
C SER A 52 13.50 32.05 9.77
N PHE A 53 13.43 31.08 8.87
CA PHE A 53 12.25 30.90 8.04
C PHE A 53 11.34 29.81 8.56
N LEU A 54 10.13 30.22 8.92
CA LEU A 54 9.14 29.29 9.44
C LEU A 54 8.59 28.41 8.31
N TYR A 55 8.61 27.08 8.51
CA TYR A 55 8.05 26.15 7.54
C TYR A 55 6.51 26.22 7.59
N SER A 56 5.83 25.93 6.48
CA SER A 56 4.37 26.14 6.40
C SER A 56 3.62 25.32 7.44
N GLY A 57 2.58 25.94 8.02
CA GLY A 57 1.71 25.27 8.99
C GLY A 57 2.31 25.14 10.38
N VAL A 58 3.48 25.72 10.58
CA VAL A 58 4.10 25.68 11.89
C VAL A 58 3.55 26.83 12.74
N PRO A 59 3.18 26.55 13.99
CA PRO A 59 2.75 27.64 14.89
C PRO A 59 3.71 28.84 14.92
N SER A 60 3.15 30.04 15.01
CA SER A 60 3.93 31.28 14.99
C SER A 60 4.75 31.55 16.25
N ARG A 61 4.45 30.84 17.34
CA ARG A 61 5.23 31.00 18.57
C ARG A 61 6.68 30.47 18.46
N PHE A 62 6.95 29.71 17.38
CA PHE A 62 8.28 29.30 17.06
C PHE A 62 8.89 30.31 16.11
N SER A 63 10.10 30.76 16.44
CA SER A 63 10.85 31.65 15.56
C SER A 63 12.34 31.32 15.64
N GLY A 64 13.09 31.70 14.61
CA GLY A 64 14.53 31.40 14.54
C GLY A 64 15.39 32.63 14.27
N SER A 65 16.57 32.65 14.87
CA SER A 65 17.54 33.73 14.69
C SER A 65 18.96 33.21 14.48
N GLY A 66 19.86 34.12 14.15
CA GLY A 66 21.27 33.82 14.12
C GLY A 66 21.96 33.94 12.77
N SER A 67 23.26 34.19 12.82
CA SER A 67 24.08 34.20 11.61
C SER A 67 25.53 33.87 11.87
N GLY A 68 26.10 33.16 10.89
CA GLY A 68 27.48 32.74 10.94
C GLY A 68 27.66 31.54 11.84
N THR A 69 27.70 31.78 13.14
CA THR A 69 28.12 30.76 14.11
C THR A 69 27.14 30.50 15.26
N ASP A 70 26.28 31.48 15.59
CA ASP A 70 25.44 31.41 16.79
C ASP A 70 23.95 31.48 16.43
N PHE A 71 23.20 30.46 16.80
CA PHE A 71 21.80 30.31 16.34
C PHE A 71 20.82 30.04 17.50
N THR A 72 19.57 30.46 17.30
CA THR A 72 18.60 30.44 18.36
C THR A 72 17.22 30.07 17.84
N LEU A 73 16.65 29.04 18.45
CA LEU A 73 15.24 28.76 18.31
C LEU A 73 14.55 29.32 19.55
N THR A 74 13.37 29.88 19.34
CA THR A 74 12.63 30.51 20.42
C THR A 74 11.16 30.11 20.37
N ILE A 75 10.67 29.70 21.54
CA ILE A 75 9.24 29.51 21.72
C ILE A 75 8.75 30.63 22.60
N SER A 76 7.85 31.45 22.05
CA SER A 76 7.44 32.69 22.74
C SER A 76 6.48 32.44 23.92
N SER A 77 5.54 31.52 23.74
CA SER A 77 4.54 31.19 24.77
C SER A 77 4.33 29.68 24.81
N LEU A 78 5.09 29.02 25.70
CA LEU A 78 5.16 27.57 25.75
C LEU A 78 3.79 26.94 25.93
N GLN A 79 3.50 25.91 25.15
CA GLN A 79 2.23 25.21 25.24
C GLN A 79 2.48 23.78 25.67
N PRO A 80 1.51 23.17 26.40
CA PRO A 80 1.66 21.77 26.80
C PRO A 80 2.10 20.86 25.65
N GLU A 81 1.53 21.04 24.45
CA GLU A 81 1.84 20.16 23.32
C GLU A 81 3.31 20.26 22.89
N ASP A 82 3.98 21.31 23.36
CA ASP A 82 5.36 21.60 23.00
C ASP A 82 6.44 20.72 23.68
N PHE A 83 6.03 19.81 24.55
CA PHE A 83 6.93 18.81 25.09
C PHE A 83 7.55 18.05 23.92
N ALA A 84 8.88 17.95 23.91
CA ALA A 84 9.64 17.29 22.87
C ALA A 84 11.12 17.53 23.04
N THR A 85 11.89 16.98 22.10
CA THR A 85 13.30 17.24 21.94
C THR A 85 13.51 18.05 20.66
N TYR A 86 14.31 19.09 20.75
CA TYR A 86 14.50 19.99 19.63
C TYR A 86 15.94 19.91 19.12
N TYR A 87 16.13 19.99 17.80
CA TYR A 87 17.46 19.82 17.16
C TYR A 87 17.81 20.92 16.15
N CYS A 88 19.01 21.48 16.26
CA CYS A 88 19.57 22.29 15.17
C CYS A 88 20.25 21.32 14.19
N GLN A 89 20.33 21.69 12.92
CA GLN A 89 21.06 20.90 11.94
C GLN A 89 21.76 21.82 10.98
N GLN A 90 23.07 21.63 10.78
CA GLN A 90 23.76 22.32 9.70
C GLN A 90 23.29 21.75 8.37
N SER A 91 22.74 22.59 7.50
CA SER A 91 22.12 22.08 6.26
C SER A 91 22.99 22.27 5.03
N GLU A 92 24.23 22.72 5.23
CA GLU A 92 25.16 22.94 4.14
C GLU A 92 26.57 23.26 4.65
N PRO A 93 27.60 22.56 4.12
CA PRO A 93 27.44 21.45 3.19
C PRO A 93 27.52 20.08 3.88
N GLU A 94 27.45 19.02 3.09
CA GLU A 94 27.56 17.66 3.57
C GLU A 94 28.92 17.46 4.27
N PRO A 95 28.98 16.62 5.32
CA PRO A 95 27.87 15.94 5.98
C PRO A 95 27.09 16.91 6.85
N TYR A 96 25.79 16.75 6.88
CA TYR A 96 24.99 17.64 7.66
C TYR A 96 24.93 17.09 9.06
N THR A 97 25.54 17.81 9.99
CA THR A 97 25.62 17.34 11.35
C THR A 97 24.47 17.95 12.14
N PHE A 98 23.94 17.15 13.06
CA PHE A 98 22.84 17.51 13.93
C PHE A 98 23.40 17.85 15.27
N GLY A 99 22.73 18.75 15.97
CA GLY A 99 23.07 19.04 17.37
C GLY A 99 22.69 17.88 18.28
N GLN A 100 23.13 17.94 19.53
CA GLN A 100 22.94 16.88 20.50
C GLN A 100 21.51 16.75 20.95
N GLY A 101 20.76 17.85 20.90
CA GLY A 101 19.35 17.87 21.26
C GLY A 101 19.06 18.63 22.52
N THR A 102 17.81 19.09 22.65
CA THR A 102 17.34 19.75 23.87
C THR A 102 15.99 19.22 24.28
N LYS A 103 15.94 18.53 25.42
CA LYS A 103 14.71 17.98 25.95
C LYS A 103 13.97 19.08 26.68
N VAL A 104 12.74 19.37 26.24
CA VAL A 104 11.92 20.38 26.89
C VAL A 104 10.76 19.75 27.66
N GLU A 105 10.79 19.85 28.99
CA GLU A 105 9.63 19.43 29.80
C GLU A 105 8.83 20.60 30.35
N ILE A 106 7.53 20.42 30.43
CA ILE A 106 6.64 21.42 30.97
C ILE A 106 6.65 21.39 32.50
N LYS A 107 6.74 22.58 33.11
CA LYS A 107 6.51 22.77 34.54
C LYS A 107 5.04 23.05 34.79
N ARG A 108 4.55 22.45 35.87
CA ARG A 108 3.13 22.40 36.13
C ARG A 108 2.87 22.34 37.62
N THR A 109 1.65 22.71 37.99
CA THR A 109 1.16 22.53 39.35
C THR A 109 1.48 21.12 39.87
N VAL A 110 1.74 20.98 41.17
CA VAL A 110 2.07 19.66 41.77
C VAL A 110 0.83 18.76 41.87
N ALA A 111 0.99 17.49 41.53
CA ALA A 111 -0.10 16.51 41.63
C ALA A 111 0.35 15.16 42.19
N ALA A 112 -0.32 14.71 43.24
CA ALA A 112 -0.02 13.44 43.92
C ALA A 112 -0.48 12.26 43.09
N PRO A 113 0.32 11.16 43.05
CA PRO A 113 -0.06 10.00 42.23
C PRO A 113 -1.26 9.26 42.78
N SER A 114 -2.03 8.63 41.91
CA SER A 114 -3.03 7.65 42.33
C SER A 114 -2.41 6.26 42.25
N VAL A 115 -2.40 5.54 43.37
CA VAL A 115 -1.67 4.28 43.45
C VAL A 115 -2.57 3.06 43.31
N PHE A 116 -2.10 2.09 42.52
CA PHE A 116 -2.75 0.80 42.34
C PHE A 116 -1.74 -0.34 42.45
N ILE A 117 -2.20 -1.49 42.97
CA ILE A 117 -1.45 -2.76 42.99
C ILE A 117 -2.22 -3.88 42.25
N PHE A 118 -1.47 -4.79 41.62
CA PHE A 118 -2.07 -5.89 40.86
C PHE A 118 -1.41 -7.20 41.20
N PRO A 119 -2.20 -8.16 41.71
CA PRO A 119 -1.66 -9.49 41.98
C PRO A 119 -1.37 -10.18 40.66
N PRO A 120 -0.44 -11.16 40.65
CA PRO A 120 -0.25 -11.97 39.45
C PRO A 120 -1.47 -12.83 39.12
N SER A 121 -1.71 -12.99 37.83
CA SER A 121 -2.74 -13.88 37.31
C SER A 121 -2.40 -15.34 37.62
N ASP A 122 -3.43 -16.17 37.79
CA ASP A 122 -3.22 -17.59 38.05
C ASP A 122 -2.49 -18.31 36.91
N GLU A 123 -2.74 -17.88 35.67
CA GLU A 123 -2.12 -18.49 34.48
C GLU A 123 -0.61 -18.25 34.36
N GLN A 124 -0.11 -17.24 35.06
CA GLN A 124 1.31 -16.98 35.09
C GLN A 124 1.99 -17.84 36.14
N LEU A 125 1.31 -18.02 37.26
CA LEU A 125 1.84 -18.84 38.34
C LEU A 125 2.08 -20.25 37.83
N LYS A 126 1.21 -20.71 36.94
CA LYS A 126 1.38 -21.99 36.26
C LYS A 126 2.82 -22.18 35.77
N SER A 127 3.35 -21.18 35.05
CA SER A 127 4.71 -21.29 34.50
C SER A 127 5.81 -20.88 35.48
N GLY A 128 5.49 -20.89 36.77
CA GLY A 128 6.50 -20.80 37.83
C GLY A 128 7.10 -19.43 38.09
N THR A 129 6.40 -18.37 37.69
CA THR A 129 6.86 -17.01 38.01
C THR A 129 5.71 -16.11 38.46
N ALA A 130 6.05 -15.08 39.23
CA ALA A 130 5.05 -14.14 39.73
C ALA A 130 5.47 -12.70 39.46
N SER A 131 4.56 -11.92 38.87
CA SER A 131 4.83 -10.50 38.67
C SER A 131 3.77 -9.62 39.33
N VAL A 132 4.21 -8.82 40.29
CA VAL A 132 3.32 -7.95 41.04
C VAL A 132 3.60 -6.54 40.62
N VAL A 133 2.57 -5.85 40.15
CA VAL A 133 2.78 -4.52 39.58
C VAL A 133 2.13 -3.43 40.41
N CYS A 134 2.83 -2.31 40.51
CA CYS A 134 2.31 -1.13 41.18
C CYS A 134 2.32 0.05 40.21
N LEU A 135 1.16 0.67 40.08
CA LEU A 135 0.95 1.75 39.14
C LEU A 135 0.72 3.07 39.87
N LEU A 136 1.50 4.09 39.50
CA LEU A 136 1.35 5.45 39.98
C LEU A 136 0.86 6.29 38.81
N ASN A 137 -0.30 6.90 38.97
CA ASN A 137 -0.96 7.49 37.84
C ASN A 137 -1.12 9.02 37.88
N ASN A 138 -0.74 9.66 36.77
CA ASN A 138 -1.02 11.07 36.49
C ASN A 138 -0.52 12.01 37.57
N PHE A 139 0.79 11.99 37.79
CA PHE A 139 1.41 12.77 38.88
C PHE A 139 2.50 13.72 38.39
N TYR A 140 2.78 14.76 39.18
CA TYR A 140 3.87 15.68 38.89
C TYR A 140 4.45 16.27 40.18
N PRO A 141 5.79 16.42 40.29
CA PRO A 141 6.90 16.13 39.37
C PRO A 141 7.15 14.67 39.10
N ARG A 142 8.20 14.41 38.32
CA ARG A 142 8.63 13.07 37.96
C ARG A 142 9.14 12.30 39.15
N GLU A 143 9.97 12.92 39.99
CA GLU A 143 10.66 12.18 41.05
C GLU A 143 9.70 11.61 42.10
N ALA A 144 9.61 10.28 42.11
CA ALA A 144 8.76 9.56 43.04
C ALA A 144 9.48 8.32 43.54
N LYS A 145 8.99 7.76 44.64
CA LYS A 145 9.60 6.56 45.22
C LYS A 145 8.63 5.40 45.43
N VAL A 146 8.93 4.27 44.79
CA VAL A 146 8.17 3.06 45.04
C VAL A 146 9.03 2.06 45.80
N GLN A 147 8.61 1.77 47.03
N GLN A 147 8.62 1.76 47.03
CA GLN A 147 9.22 0.75 47.89
CA GLN A 147 9.26 0.75 47.86
C GLN A 147 8.28 -0.45 48.00
C GLN A 147 8.33 -0.44 48.06
N TRP A 148 8.83 -1.64 47.77
CA TRP A 148 8.06 -2.87 47.96
C TRP A 148 8.27 -3.41 49.35
N LYS A 149 7.19 -3.82 49.99
CA LYS A 149 7.29 -4.59 51.25
C LYS A 149 6.60 -5.94 51.08
N VAL A 150 7.26 -6.98 51.56
CA VAL A 150 6.74 -8.33 51.42
C VAL A 150 6.76 -8.95 52.80
N ASP A 151 5.57 -9.12 53.36
CA ASP A 151 5.36 -9.47 54.78
C ASP A 151 6.00 -8.41 55.68
N ASN A 152 5.98 -7.16 55.24
CA ASN A 152 6.59 -6.01 55.94
C ASN A 152 8.12 -5.91 55.85
N ALA A 153 8.74 -6.70 54.97
CA ALA A 153 10.16 -6.58 54.72
C ALA A 153 10.43 -5.73 53.46
N LEU A 154 11.44 -4.86 53.56
CA LEU A 154 11.79 -3.99 52.45
C LEU A 154 12.54 -4.76 51.41
N GLN A 155 12.17 -4.56 50.16
CA GLN A 155 12.74 -5.32 49.07
C GLN A 155 13.76 -4.52 48.31
N SER A 156 14.75 -5.24 47.77
CA SER A 156 15.92 -4.67 47.17
C SER A 156 16.29 -5.48 45.94
N GLY A 157 16.58 -4.78 44.84
CA GLY A 157 17.08 -5.40 43.60
C GLY A 157 16.24 -6.49 42.98
N ASN A 158 14.92 -6.42 43.15
CA ASN A 158 13.99 -7.40 42.59
C ASN A 158 12.77 -6.75 41.95
N SER A 159 12.93 -5.47 41.63
CA SER A 159 11.88 -4.67 40.99
C SER A 159 12.47 -3.76 39.91
N GLN A 160 11.63 -3.41 38.93
CA GLN A 160 12.07 -2.53 37.84
C GLN A 160 11.04 -1.43 37.53
N GLU A 161 11.53 -0.20 37.41
CA GLU A 161 10.69 0.95 37.16
C GLU A 161 10.70 1.32 35.68
N SER A 162 9.53 1.70 35.18
CA SER A 162 9.41 2.24 33.84
C SER A 162 8.56 3.51 33.86
N VAL A 163 9.03 4.57 33.19
CA VAL A 163 8.40 5.89 33.26
C VAL A 163 7.76 6.33 31.95
N THR A 164 6.47 6.66 32.04
CA THR A 164 5.75 7.30 30.95
C THR A 164 6.44 8.60 30.56
N GLU A 165 6.55 8.83 29.25
CA GLU A 165 7.01 10.11 28.76
C GLU A 165 5.90 11.12 29.03
N GLN A 166 6.28 12.31 29.48
CA GLN A 166 5.32 13.31 29.95
C GLN A 166 4.07 13.44 29.06
N ASP A 167 2.88 13.47 29.67
CA ASP A 167 1.63 13.62 28.91
C ASP A 167 1.55 14.99 28.22
N SER A 168 1.08 15.01 26.98
CA SER A 168 1.12 16.23 26.18
C SER A 168 -0.14 17.09 26.28
N LYS A 169 -1.09 16.68 27.12
CA LYS A 169 -2.28 17.47 27.31
C LYS A 169 -2.33 18.03 28.73
N ASP A 170 -2.07 17.20 29.74
CA ASP A 170 -2.10 17.67 31.14
C ASP A 170 -0.74 17.63 31.84
N SER A 171 0.31 17.29 31.09
CA SER A 171 1.70 17.33 31.54
C SER A 171 2.02 16.48 32.76
N THR A 172 1.40 15.31 32.85
CA THR A 172 1.65 14.40 33.97
C THR A 172 2.56 13.21 33.58
N TYR A 173 3.04 12.47 34.57
CA TYR A 173 3.78 11.24 34.31
C TYR A 173 3.04 10.07 34.92
N SER A 174 3.32 8.89 34.39
CA SER A 174 2.90 7.65 35.01
C SER A 174 4.12 6.75 35.21
N LEU A 175 4.04 5.88 36.21
CA LEU A 175 5.13 4.99 36.55
C LEU A 175 4.58 3.62 36.91
N SER A 176 5.21 2.58 36.38
CA SER A 176 4.95 1.20 36.75
C SER A 176 6.21 0.63 37.40
N SER A 177 6.02 -0.10 38.50
CA SER A 177 7.09 -0.85 39.13
C SER A 177 6.68 -2.30 39.21
N THR A 178 7.60 -3.21 38.93
CA THR A 178 7.27 -4.64 38.84
C THR A 178 8.16 -5.48 39.73
N LEU A 179 7.53 -6.18 40.67
CA LEU A 179 8.22 -7.11 41.54
C LEU A 179 8.12 -8.48 40.93
N THR A 180 9.29 -9.08 40.69
CA THR A 180 9.39 -10.38 40.01
C THR A 180 10.09 -11.41 40.89
N LEU A 181 9.43 -12.55 41.10
CA LEU A 181 10.06 -13.67 41.81
C LEU A 181 9.57 -15.06 41.39
N SER A 182 10.32 -16.07 41.81
CA SER A 182 9.98 -17.47 41.64
C SER A 182 8.72 -17.79 42.45
N LYS A 183 7.75 -18.49 41.85
CA LYS A 183 6.47 -18.79 42.51
C LYS A 183 6.65 -19.49 43.85
N ALA A 184 7.79 -20.18 43.98
CA ALA A 184 8.22 -20.77 45.23
C ALA A 184 8.48 -19.68 46.27
N ASP A 185 9.14 -18.61 45.85
CA ASP A 185 9.38 -17.48 46.74
C ASP A 185 8.15 -16.62 46.96
N TYR A 186 7.26 -16.59 45.97
CA TYR A 186 5.97 -15.91 46.09
C TYR A 186 5.12 -16.65 47.10
N GLU A 187 5.02 -17.95 46.94
CA GLU A 187 4.09 -18.73 47.74
C GLU A 187 4.55 -18.93 49.17
N LYS A 188 5.70 -18.37 49.52
CA LYS A 188 6.17 -18.44 50.89
C LYS A 188 5.94 -17.14 51.71
N HIS A 189 5.10 -16.26 51.18
CA HIS A 189 4.79 -15.00 51.83
C HIS A 189 3.31 -14.65 51.69
N LYS A 190 2.83 -13.83 52.63
CA LYS A 190 1.40 -13.59 52.80
C LYS A 190 0.92 -12.27 52.20
N VAL A 191 1.47 -11.17 52.68
CA VAL A 191 1.04 -9.82 52.28
C VAL A 191 1.99 -9.14 51.30
N TYR A 192 1.44 -8.61 50.22
CA TYR A 192 2.24 -7.88 49.24
C TYR A 192 1.82 -6.44 49.21
N ALA A 193 2.77 -5.58 49.61
CA ALA A 193 2.51 -4.17 49.80
C ALA A 193 3.40 -3.30 48.91
N CYS A 194 2.89 -2.12 48.61
CA CYS A 194 3.55 -1.21 47.70
C CYS A 194 3.49 0.18 48.35
N GLU A 195 4.66 0.76 48.65
CA GLU A 195 4.73 1.99 49.42
C GLU A 195 5.25 3.15 48.59
N VAL A 196 4.46 4.22 48.53
CA VAL A 196 4.75 5.34 47.61
C VAL A 196 5.02 6.69 48.28
N THR A 197 6.08 7.36 47.83
CA THR A 197 6.47 8.67 48.33
C THR A 197 6.58 9.65 47.16
N HIS A 198 6.02 10.85 47.34
CA HIS A 198 6.02 11.90 46.31
C HIS A 198 5.95 13.28 46.95
N GLN A 199 6.28 14.32 46.19
CA GLN A 199 6.18 15.70 46.70
C GLN A 199 4.72 16.11 47.00
N GLY A 200 3.78 15.50 46.29
CA GLY A 200 2.35 15.70 46.55
C GLY A 200 1.85 14.98 47.79
N LEU A 201 2.71 14.15 48.39
CA LEU A 201 2.34 13.42 49.61
C LEU A 201 3.21 13.82 50.79
N SER A 202 2.56 13.99 51.94
CA SER A 202 3.25 14.39 53.17
C SER A 202 3.41 13.17 54.10
N SER A 203 2.95 12.03 53.61
CA SER A 203 2.96 10.77 54.33
C SER A 203 2.80 9.64 53.32
N PRO A 204 3.70 8.63 53.37
CA PRO A 204 3.77 7.54 52.38
C PRO A 204 2.43 6.83 52.14
N VAL A 205 2.08 6.58 50.88
CA VAL A 205 0.84 5.87 50.53
C VAL A 205 1.07 4.38 50.21
N THR A 206 0.47 3.53 51.03
CA THR A 206 0.62 2.09 50.91
C THR A 206 -0.64 1.44 50.29
N LYS A 207 -0.42 0.55 49.34
CA LYS A 207 -1.50 -0.18 48.70
C LYS A 207 -1.13 -1.67 48.72
N SER A 208 -2.02 -2.52 49.22
CA SER A 208 -1.64 -3.92 49.42
C SER A 208 -2.72 -4.97 49.15
N PHE A 209 -2.31 -6.23 49.09
CA PHE A 209 -3.22 -7.39 48.99
C PHE A 209 -2.68 -8.60 49.78
N ASN A 210 -3.54 -9.60 50.01
CA ASN A 210 -3.14 -10.91 50.58
C ASN A 210 -3.28 -12.05 49.56
N ARG A 211 -2.23 -12.88 49.46
CA ARG A 211 -2.21 -13.98 48.49
C ARG A 211 -3.45 -14.87 48.62
N GLY A 212 -4.38 -14.74 47.67
CA GLY A 212 -5.62 -15.53 47.66
C GLY A 212 -6.51 -15.38 48.89
N GLU B 1 -1.40 12.90 1.87
CA GLU B 1 -1.02 12.89 0.43
C GLU B 1 0.41 12.35 0.22
N VAL B 2 1.39 13.11 0.71
CA VAL B 2 2.80 12.74 0.62
C VAL B 2 3.20 11.87 1.83
N GLN B 3 3.84 10.72 1.59
CA GLN B 3 4.49 10.01 2.71
C GLN B 3 5.54 8.97 2.31
N LEU B 4 6.40 8.66 3.29
CA LEU B 4 7.41 7.63 3.20
C LEU B 4 7.03 6.47 4.12
N VAL B 5 7.20 5.24 3.65
CA VAL B 5 6.95 4.07 4.48
C VAL B 5 8.12 3.10 4.36
N GLU B 6 8.76 2.89 5.50
CA GLU B 6 10.00 2.15 5.57
C GLU B 6 9.76 0.77 6.13
N SER B 7 10.56 -0.18 5.68
CA SER B 7 10.45 -1.56 6.13
C SER B 7 11.77 -2.30 5.95
N GLY B 8 11.78 -3.58 6.34
CA GLY B 8 12.98 -4.40 6.26
C GLY B 8 13.73 -4.50 7.58
N GLY B 9 13.41 -3.64 8.54
CA GLY B 9 14.06 -3.64 9.84
C GLY B 9 13.79 -4.91 10.62
N GLY B 10 14.51 -5.11 11.71
CA GLY B 10 14.39 -6.32 12.52
C GLY B 10 15.68 -6.73 13.21
N LEU B 11 15.83 -8.03 13.46
CA LEU B 11 16.99 -8.56 14.20
C LEU B 11 18.08 -8.98 13.23
N VAL B 12 19.35 -8.77 13.61
CA VAL B 12 20.49 -9.25 12.82
C VAL B 12 21.70 -9.60 13.66
N GLN B 13 22.36 -10.71 13.28
CA GLN B 13 23.57 -11.16 13.94
C GLN B 13 24.72 -10.17 13.70
N PRO B 14 25.57 -9.91 14.72
CA PRO B 14 26.70 -9.01 14.48
C PRO B 14 27.64 -9.59 13.42
N GLY B 15 28.05 -8.72 12.49
CA GLY B 15 28.83 -9.13 11.32
C GLY B 15 27.94 -9.32 10.11
N GLY B 16 26.64 -9.41 10.34
CA GLY B 16 25.67 -9.67 9.28
C GLY B 16 25.25 -8.45 8.50
N SER B 17 24.25 -8.66 7.64
CA SER B 17 23.83 -7.70 6.64
C SER B 17 22.31 -7.55 6.64
N LEU B 18 21.83 -6.41 6.14
CA LEU B 18 20.40 -6.08 6.11
C LEU B 18 20.14 -4.99 5.08
N ARG B 19 18.96 -5.07 4.43
CA ARG B 19 18.53 -4.09 3.44
C ARG B 19 17.19 -3.45 3.85
N LEU B 20 17.19 -2.13 3.96
CA LEU B 20 16.02 -1.36 4.31
C LEU B 20 15.42 -0.76 3.06
N SER B 21 14.10 -0.58 3.07
CA SER B 21 13.39 -0.03 1.93
C SER B 21 12.52 1.15 2.31
N CYS B 22 12.69 2.25 1.58
CA CYS B 22 11.87 3.44 1.78
C CYS B 22 10.97 3.68 0.58
N ALA B 23 9.69 3.36 0.76
CA ALA B 23 8.71 3.48 -0.31
C ALA B 23 8.05 4.86 -0.31
N ALA B 24 8.13 5.55 -1.43
CA ALA B 24 7.50 6.86 -1.52
C ALA B 24 6.11 6.83 -2.16
N SER B 25 5.20 7.55 -1.53
CA SER B 25 3.84 7.70 -1.98
C SER B 25 3.50 9.18 -2.12
N GLY B 26 2.86 9.56 -3.23
CA GLY B 26 2.30 10.91 -3.37
C GLY B 26 3.21 11.97 -3.96
N PHE B 27 4.35 11.53 -4.49
CA PHE B 27 5.27 12.38 -5.24
C PHE B 27 6.23 11.48 -6.03
N THR B 28 6.72 11.97 -7.18
CA THR B 28 7.70 11.20 -7.95
C THR B 28 9.13 11.39 -7.40
N LEU B 29 9.84 10.26 -7.25
CA LEU B 29 11.22 10.25 -6.73
C LEU B 29 12.23 10.96 -7.60
N SER B 30 12.11 10.80 -8.92
CA SER B 30 13.04 11.43 -9.85
C SER B 30 12.97 12.93 -9.65
N GLY B 31 14.11 13.54 -9.39
CA GLY B 31 14.17 14.98 -9.19
C GLY B 31 14.06 15.41 -7.74
N ASP B 32 13.70 14.49 -6.87
CA ASP B 32 13.72 14.75 -5.44
C ASP B 32 14.98 14.15 -4.79
N TRP B 33 15.17 14.45 -3.51
CA TRP B 33 16.36 14.02 -2.78
C TRP B 33 15.95 13.23 -1.54
N ILE B 34 16.64 12.11 -1.30
CA ILE B 34 16.27 11.22 -0.20
C ILE B 34 17.41 10.99 0.78
N HIS B 35 17.09 11.16 2.06
CA HIS B 35 18.08 11.02 3.14
C HIS B 35 17.75 9.88 4.08
N TRP B 36 18.79 9.21 4.55
CA TRP B 36 18.64 8.24 5.62
C TRP B 36 19.28 8.80 6.88
N VAL B 37 18.56 8.67 7.99
CA VAL B 37 19.00 9.20 9.25
C VAL B 37 18.64 8.17 10.31
N ARG B 38 19.53 7.95 11.25
CA ARG B 38 19.25 7.03 12.33
C ARG B 38 19.30 7.68 13.70
N GLN B 39 18.70 6.99 14.67
CA GLN B 39 18.64 7.43 16.06
C GLN B 39 18.82 6.21 16.93
N ALA B 40 19.97 6.12 17.57
CA ALA B 40 20.22 5.05 18.53
C ALA B 40 19.32 5.35 19.71
N PRO B 41 18.84 4.30 20.42
CA PRO B 41 17.67 4.45 21.29
C PRO B 41 17.81 5.59 22.32
N GLY B 42 18.95 5.63 23.00
CA GLY B 42 19.21 6.69 23.96
C GLY B 42 19.50 8.06 23.34
N LYS B 43 20.28 8.08 22.26
CA LYS B 43 20.92 9.31 21.80
C LYS B 43 20.16 10.10 20.73
N GLY B 44 20.87 11.01 20.07
CA GLY B 44 20.29 11.97 19.15
C GLY B 44 20.38 11.54 17.71
N LEU B 45 20.17 12.49 16.81
CA LEU B 45 19.99 12.19 15.39
C LEU B 45 21.31 12.14 14.63
N GLU B 46 21.46 11.15 13.75
CA GLU B 46 22.67 11.02 12.94
C GLU B 46 22.37 10.85 11.45
N TRP B 47 22.83 11.81 10.65
CA TRP B 47 22.71 11.76 9.19
C TRP B 47 23.60 10.68 8.60
N LEU B 48 23.01 9.76 7.84
CA LEU B 48 23.81 8.72 7.20
C LEU B 48 24.13 9.05 5.76
N GLY B 49 23.13 9.41 4.99
CA GLY B 49 23.32 9.53 3.57
C GLY B 49 22.26 10.25 2.79
N GLU B 50 22.53 10.36 1.49
CA GLU B 50 21.79 11.20 0.59
C GLU B 50 21.89 10.60 -0.81
N ILE B 51 20.76 10.53 -1.51
CA ILE B 51 20.73 10.09 -2.92
C ILE B 51 19.81 10.98 -3.71
N SER B 52 20.24 11.36 -4.91
CA SER B 52 19.34 11.99 -5.87
C SER B 52 18.84 10.96 -6.87
N ALA B 53 17.57 10.58 -6.71
CA ALA B 53 16.98 9.49 -7.47
C ALA B 53 17.30 9.62 -8.96
N ALA B 54 17.13 10.83 -9.49
CA ALA B 54 17.50 11.11 -10.88
C ALA B 54 19.01 11.17 -11.04
N GLY B 55 19.57 10.20 -11.75
CA GLY B 55 21.01 10.14 -11.99
C GLY B 55 21.74 9.26 -10.99
N GLY B 56 21.14 9.09 -9.82
CA GLY B 56 21.64 8.17 -8.81
C GLY B 56 22.88 8.60 -8.05
N TYR B 57 23.13 9.90 -7.99
CA TYR B 57 24.28 10.41 -7.23
C TYR B 57 24.03 10.28 -5.73
N THR B 58 25.08 9.95 -4.98
CA THR B 58 24.98 9.68 -3.54
C THR B 58 26.11 10.32 -2.73
N ASP B 59 25.85 10.54 -1.44
CA ASP B 59 26.89 10.90 -0.46
C ASP B 59 26.59 10.37 0.93
N TYR B 60 27.66 10.02 1.66
CA TYR B 60 27.53 9.34 2.94
C TYR B 60 28.31 10.06 4.04
N ALA B 61 27.96 9.74 5.28
CA ALA B 61 28.71 10.19 6.43
C ALA B 61 29.94 9.29 6.53
N ASP B 62 31.06 9.81 7.07
CA ASP B 62 32.30 9.02 7.24
C ASP B 62 32.10 7.74 8.06
N SER B 63 31.26 7.82 9.08
CA SER B 63 31.00 6.70 9.99
C SER B 63 30.35 5.46 9.32
N VAL B 64 29.79 5.63 8.12
CA VAL B 64 29.20 4.50 7.42
C VAL B 64 29.72 4.30 5.99
N LYS B 65 30.55 5.23 5.53
CA LYS B 65 31.07 5.20 4.16
C LYS B 65 31.76 3.84 3.91
N GLY B 66 31.46 3.24 2.76
CA GLY B 66 32.07 1.98 2.38
C GLY B 66 31.31 0.78 2.90
N ARG B 67 30.72 0.91 4.09
CA ARG B 67 29.90 -0.16 4.66
C ARG B 67 28.43 -0.12 4.18
N PHE B 68 27.91 1.08 3.90
CA PHE B 68 26.51 1.29 3.55
C PHE B 68 26.37 1.82 2.14
N THR B 69 25.35 1.38 1.42
CA THR B 69 25.05 1.89 0.07
C THR B 69 23.60 2.29 -0.07
N ILE B 70 23.39 3.49 -0.58
CA ILE B 70 22.04 3.96 -0.86
C ILE B 70 21.82 3.81 -2.34
N SER B 71 20.62 3.33 -2.68
CA SER B 71 20.18 3.27 -4.07
C SER B 71 18.67 3.52 -4.13
N ALA B 72 18.16 3.67 -5.34
CA ALA B 72 16.74 3.90 -5.56
C ALA B 72 16.28 3.28 -6.87
N ASP B 73 15.05 2.79 -6.89
CA ASP B 73 14.47 2.32 -8.13
C ASP B 73 13.35 3.28 -8.49
N THR B 74 13.64 4.13 -9.46
CA THR B 74 12.74 5.20 -9.87
C THR B 74 11.39 4.66 -10.34
N SER B 75 11.41 3.49 -11.00
CA SER B 75 10.20 2.88 -11.55
C SER B 75 9.25 2.26 -10.51
N LYS B 76 9.77 1.94 -9.33
CA LYS B 76 8.93 1.43 -8.24
C LYS B 76 8.74 2.47 -7.13
N ASN B 77 9.36 3.63 -7.32
CA ASN B 77 9.23 4.74 -6.37
C ASN B 77 9.67 4.36 -4.96
N THR B 78 10.84 3.75 -4.86
CA THR B 78 11.34 3.25 -3.58
C THR B 78 12.86 3.43 -3.49
N ALA B 79 13.32 3.85 -2.32
CA ALA B 79 14.74 3.97 -2.08
C ALA B 79 15.17 2.86 -1.14
N TYR B 80 16.47 2.64 -1.05
CA TYR B 80 17.02 1.55 -0.25
C TYR B 80 18.26 1.96 0.53
N LEU B 81 18.43 1.35 1.70
CA LEU B 81 19.67 1.41 2.42
C LEU B 81 20.16 -0.02 2.63
N GLN B 82 21.24 -0.38 1.96
CA GLN B 82 21.89 -1.68 2.14
C GLN B 82 23.01 -1.54 3.16
N MET B 83 22.89 -2.25 4.28
CA MET B 83 23.85 -2.17 5.37
C MET B 83 24.61 -3.49 5.49
N ASN B 84 25.94 -3.43 5.41
CA ASN B 84 26.79 -4.62 5.58
C ASN B 84 27.60 -4.56 6.88
N SER B 85 28.07 -5.71 7.32
CA SER B 85 28.99 -5.81 8.46
C SER B 85 28.58 -4.95 9.67
N LEU B 86 27.41 -5.27 10.22
CA LEU B 86 26.81 -4.49 11.30
C LEU B 86 27.44 -4.69 12.68
N ARG B 87 27.31 -3.70 13.55
CA ARG B 87 27.86 -3.71 14.90
C ARG B 87 26.81 -3.27 15.90
N ALA B 88 26.99 -3.62 17.17
CA ALA B 88 26.08 -3.20 18.26
C ALA B 88 25.71 -1.73 18.17
N GLU B 89 26.69 -0.91 17.80
CA GLU B 89 26.50 0.53 17.67
C GLU B 89 25.44 0.86 16.63
N ASP B 90 25.26 -0.02 15.64
CA ASP B 90 24.33 0.23 14.54
C ASP B 90 22.84 -0.01 14.90
N THR B 91 22.60 -0.60 16.06
CA THR B 91 21.27 -0.68 16.63
C THR B 91 20.66 0.71 16.69
N ALA B 92 19.54 0.91 16.01
CA ALA B 92 18.89 2.22 15.96
C ALA B 92 17.52 2.17 15.27
N VAL B 93 16.76 3.27 15.34
CA VAL B 93 15.60 3.48 14.48
C VAL B 93 16.01 4.25 13.23
N TYR B 94 15.84 3.64 12.06
CA TYR B 94 16.27 4.23 10.80
C TYR B 94 15.11 4.90 10.09
N TYR B 95 15.32 6.14 9.69
CA TYR B 95 14.34 6.89 8.91
C TYR B 95 14.88 7.26 7.53
N CYS B 96 13.94 7.41 6.59
CA CYS B 96 14.22 8.07 5.34
C CYS B 96 13.35 9.32 5.35
N ALA B 97 13.80 10.32 4.60
CA ALA B 97 13.14 11.62 4.54
C ALA B 97 13.44 12.28 3.20
N ARG B 98 12.54 13.15 2.76
CA ARG B 98 12.79 13.86 1.51
C ARG B 98 13.14 15.31 1.80
N GLU B 99 14.12 15.82 1.05
CA GLU B 99 14.57 17.19 1.15
C GLU B 99 13.41 18.12 0.81
N SER B 100 13.33 19.27 1.49
CA SER B 100 12.26 20.21 1.26
C SER B 100 12.44 20.86 -0.08
N ARG B 101 11.31 21.29 -0.64
CA ARG B 101 11.27 21.82 -1.99
C ARG B 101 11.79 23.25 -2.02
N VAL B 102 11.89 23.89 -0.86
CA VAL B 102 12.01 25.35 -0.81
C VAL B 102 13.38 25.91 -0.41
N SER B 103 14.40 25.62 -1.23
CA SER B 103 15.78 26.14 -1.07
C SER B 103 16.83 25.04 -1.29
N PHE B 104 18.06 25.47 -1.54
CA PHE B 104 19.20 24.58 -1.75
C PHE B 104 19.47 23.74 -0.53
N GLU B 105 19.01 24.26 0.60
CA GLU B 105 19.21 23.72 1.93
C GLU B 105 18.77 22.27 2.07
N ALA B 106 19.48 21.51 2.89
CA ALA B 106 19.16 20.10 3.11
C ALA B 106 18.18 19.94 4.25
N ALA B 107 17.08 20.70 4.22
CA ALA B 107 16.01 20.55 5.20
C ALA B 107 15.13 19.40 4.78
N MET B 108 14.73 18.58 5.75
CA MET B 108 13.94 17.38 5.49
C MET B 108 12.52 17.58 6.02
N ASP B 109 11.53 17.64 5.13
CA ASP B 109 10.18 18.04 5.54
C ASP B 109 9.15 16.91 5.61
N TYR B 110 9.48 15.77 5.02
CA TYR B 110 8.63 14.60 5.10
C TYR B 110 9.47 13.42 5.56
N TRP B 111 9.01 12.75 6.62
CA TRP B 111 9.75 11.62 7.19
C TRP B 111 8.90 10.37 7.21
N GLY B 112 9.55 9.21 7.11
CA GLY B 112 8.86 7.94 7.32
C GLY B 112 8.56 7.71 8.79
N GLN B 113 7.86 6.61 9.09
CA GLN B 113 7.50 6.32 10.48
C GLN B 113 8.71 5.90 11.28
N GLY B 114 9.69 5.29 10.59
CA GLY B 114 10.91 4.81 11.24
C GLY B 114 10.83 3.32 11.47
N THR B 115 11.96 2.64 11.31
CA THR B 115 11.98 1.20 11.52
C THR B 115 13.16 0.79 12.40
N LEU B 116 12.93 -0.15 13.31
CA LEU B 116 13.95 -0.50 14.28
C LEU B 116 14.87 -1.62 13.80
N VAL B 117 16.16 -1.33 13.84
CA VAL B 117 17.18 -2.31 13.54
C VAL B 117 17.87 -2.66 14.85
N THR B 118 17.92 -3.95 15.13
CA THR B 118 18.56 -4.41 16.33
C THR B 118 19.63 -5.43 15.98
N VAL B 119 20.87 -5.10 16.28
CA VAL B 119 21.96 -6.04 16.04
C VAL B 119 22.53 -6.61 17.34
N SER B 120 22.31 -7.92 17.52
CA SER B 120 22.87 -8.68 18.63
C SER B 120 22.76 -10.18 18.36
N SER B 121 23.60 -10.96 19.04
CA SER B 121 23.64 -12.41 18.87
C SER B 121 22.69 -13.09 19.84
N ALA B 122 21.42 -12.71 19.78
CA ALA B 122 20.39 -13.27 20.63
C ALA B 122 19.26 -13.82 19.77
N SER B 123 18.42 -14.66 20.37
CA SER B 123 17.34 -15.29 19.62
C SER B 123 16.00 -14.61 19.82
N THR B 124 15.22 -14.63 18.75
CA THR B 124 13.85 -14.15 18.76
C THR B 124 13.01 -15.00 19.72
N LYS B 125 12.18 -14.31 20.52
CA LYS B 125 11.29 -15.00 21.45
C LYS B 125 9.92 -14.30 21.53
N GLY B 126 8.87 -15.10 21.45
CA GLY B 126 7.49 -14.61 21.56
C GLY B 126 7.12 -14.26 22.99
N PRO B 127 6.34 -13.18 23.16
CA PRO B 127 5.91 -12.75 24.49
C PRO B 127 4.75 -13.57 25.03
N SER B 128 4.70 -13.66 26.35
CA SER B 128 3.50 -14.13 27.04
C SER B 128 2.72 -12.91 27.46
N VAL B 129 1.40 -13.03 27.44
CA VAL B 129 0.52 -11.93 27.78
C VAL B 129 -0.34 -12.28 29.00
N PHE B 130 -0.28 -11.47 30.05
CA PHE B 130 -0.98 -11.80 31.30
C PHE B 130 -1.97 -10.73 31.74
N PRO B 131 -3.12 -11.14 32.30
CA PRO B 131 -4.10 -10.17 32.79
C PRO B 131 -3.56 -9.35 33.97
N LEU B 132 -3.89 -8.06 33.98
CA LEU B 132 -3.74 -7.24 35.19
C LEU B 132 -5.11 -6.75 35.57
N ALA B 133 -5.81 -7.56 36.34
CA ALA B 133 -7.22 -7.37 36.65
C ALA B 133 -7.41 -6.39 37.80
N PRO B 134 -8.50 -5.60 37.77
CA PRO B 134 -8.82 -4.59 38.79
C PRO B 134 -9.57 -5.12 40.02
N SER B 135 -9.80 -4.24 40.99
CA SER B 135 -10.68 -4.49 42.15
C SER B 135 -11.05 -3.18 42.88
N SER B 136 -11.91 -3.30 43.89
CA SER B 136 -12.19 -2.21 44.85
C SER B 136 -12.59 -2.77 46.22
N GLY B 142 -16.59 5.69 41.60
CA GLY B 142 -15.21 6.15 41.44
C GLY B 142 -14.57 5.60 40.18
N THR B 143 -13.24 5.41 40.23
CA THR B 143 -12.49 4.96 39.06
C THR B 143 -11.54 3.78 39.33
N ALA B 144 -11.32 2.95 38.31
CA ALA B 144 -10.63 1.67 38.45
C ALA B 144 -9.62 1.43 37.33
N ALA B 145 -8.52 0.77 37.68
CA ALA B 145 -7.41 0.53 36.76
C ALA B 145 -7.24 -0.94 36.41
N LEU B 146 -6.86 -1.20 35.16
CA LEU B 146 -6.65 -2.56 34.65
C LEU B 146 -5.64 -2.55 33.51
N GLY B 147 -5.06 -3.70 33.21
CA GLY B 147 -4.06 -3.75 32.14
C GLY B 147 -3.62 -5.13 31.70
N CYS B 148 -2.55 -5.14 30.93
CA CYS B 148 -1.92 -6.37 30.46
C CYS B 148 -0.43 -6.38 30.73
N LEU B 149 0.09 -7.56 31.02
CA LEU B 149 1.52 -7.71 31.17
C LEU B 149 2.09 -8.50 30.01
N VAL B 150 2.92 -7.83 29.22
CA VAL B 150 3.61 -8.47 28.10
C VAL B 150 5.00 -8.88 28.59
N LYS B 151 5.20 -10.19 28.73
CA LYS B 151 6.42 -10.66 29.34
C LYS B 151 7.28 -11.58 28.49
N ASP B 152 8.58 -11.34 28.58
CA ASP B 152 9.64 -12.21 28.05
C ASP B 152 9.66 -12.32 26.53
N TYR B 153 9.98 -11.19 25.90
CA TYR B 153 10.05 -11.16 24.45
C TYR B 153 11.33 -10.51 23.95
N PHE B 154 11.69 -10.83 22.72
CA PHE B 154 12.87 -10.27 22.09
C PHE B 154 12.78 -10.46 20.58
N PRO B 155 13.20 -9.45 19.81
CA PRO B 155 13.63 -8.16 20.31
C PRO B 155 12.45 -7.19 20.45
N GLU B 156 12.76 -5.92 20.58
CA GLU B 156 11.79 -4.86 20.41
C GLU B 156 11.40 -4.82 18.93
N PRO B 157 10.22 -4.26 18.60
CA PRO B 157 9.20 -3.71 19.49
C PRO B 157 7.98 -4.60 19.66
N VAL B 158 7.13 -4.23 20.62
CA VAL B 158 5.83 -4.86 20.83
C VAL B 158 4.78 -3.78 20.64
N THR B 159 3.66 -4.14 20.02
CA THR B 159 2.56 -3.20 19.77
C THR B 159 1.35 -3.54 20.61
N VAL B 160 0.94 -2.63 21.49
CA VAL B 160 -0.28 -2.85 22.26
C VAL B 160 -1.36 -1.82 21.93
N SER B 161 -2.55 -2.33 21.65
CA SER B 161 -3.73 -1.48 21.44
C SER B 161 -4.88 -1.99 22.31
N TRP B 162 -5.80 -1.12 22.69
CA TRP B 162 -6.98 -1.54 23.46
C TRP B 162 -8.27 -1.42 22.65
N ASN B 163 -8.99 -2.55 22.54
CA ASN B 163 -10.21 -2.65 21.71
C ASN B 163 -10.00 -2.18 20.27
N SER B 164 -9.05 -2.82 19.59
CA SER B 164 -8.66 -2.51 18.20
C SER B 164 -8.37 -1.04 17.91
N GLY B 165 -8.19 -0.26 18.97
CA GLY B 165 -7.86 1.16 18.84
C GLY B 165 -9.00 2.10 19.23
N ALA B 166 -10.17 1.55 19.49
CA ALA B 166 -11.34 2.34 19.86
C ALA B 166 -11.22 3.03 21.24
N LEU B 167 -10.25 2.60 22.04
CA LEU B 167 -10.01 3.18 23.37
C LEU B 167 -8.61 3.78 23.50
N THR B 168 -8.56 5.09 23.75
CA THR B 168 -7.28 5.81 23.87
C THR B 168 -7.18 6.69 25.13
N SER B 169 -8.30 6.89 25.82
CA SER B 169 -8.34 7.68 27.04
C SER B 169 -7.70 6.93 28.19
N GLY B 170 -6.71 7.57 28.82
CA GLY B 170 -6.05 7.03 30.01
C GLY B 170 -5.22 5.79 29.75
N VAL B 171 -4.79 5.62 28.50
CA VAL B 171 -4.00 4.47 28.08
C VAL B 171 -2.51 4.77 28.21
N HIS B 172 -1.83 4.05 29.09
CA HIS B 172 -0.39 4.24 29.26
C HIS B 172 0.34 2.96 28.92
N THR B 173 1.10 2.98 27.84
CA THR B 173 1.98 1.88 27.51
C THR B 173 3.39 2.24 27.94
N PHE B 174 3.96 1.44 28.84
CA PHE B 174 5.24 1.79 29.40
C PHE B 174 6.41 1.39 28.51
N PRO B 175 7.47 2.22 28.48
CA PRO B 175 8.72 1.78 27.90
C PRO B 175 9.07 0.37 28.36
N ALA B 176 9.63 -0.41 27.46
CA ALA B 176 10.06 -1.77 27.77
C ALA B 176 11.24 -1.72 28.71
N VAL B 177 11.40 -2.78 29.50
CA VAL B 177 12.57 -2.88 30.36
C VAL B 177 13.35 -4.14 30.02
N LEU B 178 14.65 -3.98 29.80
CA LEU B 178 15.55 -5.10 29.55
C LEU B 178 15.79 -5.80 30.88
N GLN B 179 15.40 -7.06 30.97
CA GLN B 179 15.55 -7.81 32.22
C GLN B 179 16.92 -8.46 32.34
N SER B 180 17.12 -9.07 33.49
CA SER B 180 18.33 -9.82 33.84
C SER B 180 18.55 -10.97 32.85
N SER B 181 17.45 -11.64 32.49
CA SER B 181 17.46 -12.79 31.59
C SER B 181 17.92 -12.41 30.19
N GLY B 182 17.84 -11.14 29.86
CA GLY B 182 18.17 -10.67 28.53
C GLY B 182 16.95 -10.47 27.65
N LEU B 183 15.76 -10.68 28.23
CA LEU B 183 14.51 -10.47 27.51
C LEU B 183 13.87 -9.13 27.88
N TYR B 184 12.94 -8.68 27.04
CA TYR B 184 12.20 -7.43 27.26
C TYR B 184 10.85 -7.72 27.93
N SER B 185 10.30 -6.69 28.58
CA SER B 185 8.99 -6.77 29.25
C SER B 185 8.38 -5.39 29.44
N LEU B 186 7.08 -5.29 29.15
CA LEU B 186 6.35 -4.05 29.42
C LEU B 186 4.95 -4.30 29.92
N SER B 187 4.29 -3.22 30.32
CA SER B 187 2.91 -3.29 30.75
C SER B 187 2.14 -2.21 30.05
N SER B 188 0.94 -2.55 29.62
CA SER B 188 0.03 -1.55 29.12
C SER B 188 -1.17 -1.53 30.02
N VAL B 189 -1.58 -0.33 30.40
CA VAL B 189 -2.56 -0.14 31.45
C VAL B 189 -3.55 0.92 31.04
N VAL B 190 -4.77 0.87 31.59
CA VAL B 190 -5.79 1.89 31.32
C VAL B 190 -6.76 2.05 32.50
N THR B 191 -7.19 3.29 32.75
CA THR B 191 -8.11 3.57 33.85
C THR B 191 -9.50 3.86 33.34
N VAL B 192 -10.49 3.27 33.98
CA VAL B 192 -11.88 3.39 33.55
C VAL B 192 -12.81 3.68 34.74
N PRO B 193 -14.07 4.13 34.46
CA PRO B 193 -15.07 4.27 35.53
C PRO B 193 -15.42 2.92 36.15
N SER B 194 -15.82 2.93 37.43
CA SER B 194 -16.13 1.70 38.16
C SER B 194 -17.45 1.08 37.74
N SER B 195 -18.39 1.92 37.35
CA SER B 195 -19.72 1.47 36.92
C SER B 195 -19.71 0.74 35.57
N SER B 196 -18.69 1.00 34.75
CA SER B 196 -18.57 0.38 33.44
C SER B 196 -18.03 -1.06 33.48
N LEU B 197 -17.40 -1.43 34.59
CA LEU B 197 -16.96 -2.82 34.84
C LEU B 197 -18.14 -3.76 34.74
N GLY B 198 -17.97 -4.84 34.00
CA GLY B 198 -19.07 -5.78 33.77
C GLY B 198 -19.73 -5.58 32.43
N THR B 199 -20.20 -4.37 32.16
CA THR B 199 -20.91 -4.07 30.90
C THR B 199 -20.00 -3.59 29.76
N GLN B 200 -18.75 -3.26 30.09
CA GLN B 200 -17.75 -2.92 29.06
C GLN B 200 -16.61 -3.93 29.03
N THR B 201 -16.44 -4.58 27.89
CA THR B 201 -15.33 -5.51 27.71
C THR B 201 -14.03 -4.76 27.44
N TYR B 202 -12.94 -5.24 28.03
CA TYR B 202 -11.65 -4.65 27.77
C TYR B 202 -10.67 -5.71 27.24
N ILE B 203 -10.27 -5.54 25.98
CA ILE B 203 -9.37 -6.48 25.31
C ILE B 203 -8.12 -5.71 24.89
N CYS B 204 -6.95 -6.19 25.32
CA CYS B 204 -5.70 -5.60 24.85
C CYS B 204 -5.13 -6.38 23.67
N ASN B 205 -4.66 -5.64 22.67
CA ASN B 205 -4.25 -6.21 21.41
C ASN B 205 -2.74 -6.11 21.22
N VAL B 206 -2.06 -7.20 21.60
CA VAL B 206 -0.61 -7.29 21.58
C VAL B 206 -0.12 -7.88 20.26
N ASN B 207 0.84 -7.19 19.64
CA ASN B 207 1.44 -7.67 18.41
C ASN B 207 2.96 -7.57 18.43
N HIS B 208 3.61 -8.73 18.31
CA HIS B 208 5.06 -8.82 18.26
C HIS B 208 5.43 -9.51 16.97
N LYS B 209 5.59 -8.70 15.92
CA LYS B 209 5.81 -9.23 14.58
C LYS B 209 7.12 -10.00 14.34
N PRO B 210 8.22 -9.62 15.04
CA PRO B 210 9.46 -10.43 14.97
C PRO B 210 9.23 -11.94 15.12
N SER B 211 8.55 -12.34 16.20
CA SER B 211 8.19 -13.75 16.39
C SER B 211 6.88 -14.08 15.67
N ASN B 212 6.23 -13.03 15.17
CA ASN B 212 4.89 -13.10 14.55
C ASN B 212 3.81 -13.63 15.52
N THR B 213 3.77 -13.04 16.71
CA THR B 213 2.70 -13.31 17.70
C THR B 213 1.65 -12.21 17.61
N LYS B 214 0.40 -12.63 17.46
CA LYS B 214 -0.75 -11.73 17.47
C LYS B 214 -1.72 -12.28 18.49
N VAL B 215 -1.76 -11.64 19.66
CA VAL B 215 -2.62 -12.10 20.74
C VAL B 215 -3.55 -10.99 21.24
N ASP B 216 -4.83 -11.32 21.36
CA ASP B 216 -5.83 -10.39 21.88
C ASP B 216 -6.46 -11.00 23.14
N LYS B 217 -6.02 -10.52 24.31
CA LYS B 217 -6.47 -11.06 25.60
C LYS B 217 -7.52 -10.18 26.31
N LYS B 218 -8.56 -10.83 26.83
CA LYS B 218 -9.64 -10.15 27.53
C LYS B 218 -9.33 -10.06 29.02
N VAL B 219 -9.50 -8.86 29.57
CA VAL B 219 -9.24 -8.60 30.99
C VAL B 219 -10.56 -8.33 31.73
N GLU B 220 -10.88 -9.21 32.68
CA GLU B 220 -12.07 -9.08 33.53
C GLU B 220 -11.68 -9.32 34.98
N PRO B 221 -12.54 -8.95 35.95
CA PRO B 221 -12.27 -9.26 37.37
C PRO B 221 -12.40 -10.76 37.67
N LYS B 222 -11.81 -11.23 38.78
CA LYS B 222 -11.81 -12.67 39.09
C LYS B 222 -12.63 -13.07 40.31
N SER B 223 -13.22 -14.27 40.24
CA SER B 223 -14.06 -14.80 41.32
C SER B 223 -13.25 -15.21 42.55
N ASP C 1 5.46 -17.75 2.92
CA ASP C 1 4.26 -17.62 2.06
C ASP C 1 4.26 -18.72 0.98
N ILE C 2 3.08 -19.02 0.41
CA ILE C 2 2.98 -20.11 -0.57
C ILE C 2 2.93 -19.62 -2.03
N GLN C 3 3.83 -20.18 -2.83
CA GLN C 3 3.93 -19.86 -4.26
C GLN C 3 2.97 -20.70 -5.08
N MET C 4 2.58 -20.12 -6.20
CA MET C 4 1.84 -20.83 -7.18
C MET C 4 2.50 -20.59 -8.51
N THR C 5 3.22 -21.59 -9.02
CA THR C 5 3.94 -21.45 -10.27
C THR C 5 3.19 -22.18 -11.38
N GLN C 6 2.76 -21.42 -12.38
CA GLN C 6 1.92 -21.94 -13.46
C GLN C 6 2.72 -22.17 -14.74
N SER C 7 2.36 -23.20 -15.51
CA SER C 7 3.12 -23.58 -16.71
C SER C 7 2.22 -24.12 -17.81
N PRO C 8 2.40 -23.62 -19.03
CA PRO C 8 3.31 -22.53 -19.35
C PRO C 8 2.61 -21.19 -19.30
N SER C 9 3.29 -20.15 -19.80
CA SER C 9 2.70 -18.82 -19.85
C SER C 9 1.63 -18.73 -20.92
N SER C 10 1.82 -19.47 -22.00
CA SER C 10 0.88 -19.44 -23.10
C SER C 10 1.04 -20.64 -24.01
N LEU C 11 -0.02 -20.95 -24.75
CA LEU C 11 0.06 -22.02 -25.73
C LEU C 11 -0.96 -21.91 -26.85
N SER C 12 -0.61 -22.45 -28.01
CA SER C 12 -1.51 -22.54 -29.15
C SER C 12 -1.87 -23.98 -29.39
N ALA C 13 -3.12 -24.24 -29.69
CA ALA C 13 -3.55 -25.60 -29.98
C ALA C 13 -4.73 -25.63 -30.93
N SER C 14 -4.76 -26.62 -31.82
CA SER C 14 -5.86 -26.80 -32.77
C SER C 14 -7.14 -27.18 -32.04
N VAL C 15 -8.27 -26.90 -32.68
CA VAL C 15 -9.59 -27.34 -32.21
C VAL C 15 -9.69 -28.86 -32.18
N GLY C 16 -10.17 -29.41 -31.07
CA GLY C 16 -10.23 -30.85 -30.86
C GLY C 16 -9.04 -31.42 -30.08
N ASP C 17 -8.01 -30.58 -29.87
CA ASP C 17 -6.80 -30.97 -29.16
C ASP C 17 -7.00 -31.16 -27.67
N ARG C 18 -6.11 -31.92 -27.05
CA ARG C 18 -6.11 -32.06 -25.62
C ARG C 18 -5.08 -31.10 -25.04
N VAL C 19 -5.53 -30.22 -24.14
CA VAL C 19 -4.65 -29.22 -23.55
C VAL C 19 -4.47 -29.46 -22.06
N THR C 20 -3.22 -29.29 -21.62
CA THR C 20 -2.81 -29.57 -20.25
C THR C 20 -2.07 -28.39 -19.66
N ILE C 21 -2.61 -27.89 -18.55
CA ILE C 21 -2.04 -26.74 -17.83
C ILE C 21 -1.65 -27.16 -16.40
N THR C 22 -0.52 -26.66 -15.94
CA THR C 22 0.13 -27.14 -14.73
C THR C 22 0.35 -26.05 -13.72
N CYS C 23 -0.06 -26.31 -12.49
CA CYS C 23 0.18 -25.38 -11.39
C CYS C 23 1.00 -26.13 -10.39
N ARG C 24 1.91 -25.43 -9.71
CA ARG C 24 2.77 -26.04 -8.71
C ARG C 24 2.89 -25.21 -7.44
N ALA C 25 2.58 -25.83 -6.30
CA ALA C 25 2.61 -25.16 -5.01
C ALA C 25 3.94 -25.42 -4.37
N SER C 26 4.45 -24.43 -3.64
CA SER C 26 5.69 -24.62 -2.91
C SER C 26 5.49 -25.48 -1.66
N GLN C 27 4.27 -25.53 -1.14
CA GLN C 27 3.93 -26.38 0.01
C GLN C 27 2.69 -27.23 -0.23
N ASP C 28 2.62 -28.33 0.52
CA ASP C 28 1.46 -29.22 0.48
C ASP C 28 0.18 -28.43 0.74
N LEU C 29 -0.66 -28.33 -0.29
CA LEU C 29 -1.96 -27.66 -0.22
C LEU C 29 -3.01 -28.73 -0.18
N ALA C 30 -2.56 -29.97 -0.10
CA ALA C 30 -3.46 -31.10 -0.12
C ALA C 30 -4.31 -31.03 -1.39
N THR C 31 -5.52 -30.49 -1.26
CA THR C 31 -6.47 -30.60 -2.33
C THR C 31 -7.22 -29.28 -2.55
N ASP C 32 -6.71 -28.21 -1.93
CA ASP C 32 -7.41 -26.90 -1.88
C ASP C 32 -7.01 -25.95 -2.99
N VAL C 33 -7.44 -26.30 -4.20
CA VAL C 33 -7.04 -25.56 -5.38
C VAL C 33 -8.25 -25.31 -6.27
N ALA C 34 -8.31 -24.12 -6.84
CA ALA C 34 -9.43 -23.77 -7.73
C ALA C 34 -8.92 -23.22 -9.06
N TRP C 35 -9.64 -23.55 -10.15
CA TRP C 35 -9.29 -23.06 -11.47
C TRP C 35 -10.36 -22.09 -12.00
N TYR C 36 -9.89 -21.03 -12.65
CA TYR C 36 -10.75 -19.99 -13.16
C TYR C 36 -10.44 -19.73 -14.64
N GLN C 37 -11.49 -19.38 -15.39
CA GLN C 37 -11.33 -19.03 -16.78
C GLN C 37 -11.66 -17.55 -16.92
N GLN C 38 -10.71 -16.77 -17.41
CA GLN C 38 -10.97 -15.36 -17.67
C GLN C 38 -10.80 -15.00 -19.13
N LYS C 39 -11.92 -14.67 -19.74
CA LYS C 39 -11.96 -14.17 -21.08
C LYS C 39 -11.68 -12.67 -20.98
N PRO C 40 -11.23 -12.04 -22.07
CA PRO C 40 -10.70 -10.68 -21.94
C PRO C 40 -11.81 -9.66 -21.76
N GLY C 41 -11.61 -8.73 -20.82
CA GLY C 41 -12.61 -7.72 -20.53
C GLY C 41 -13.83 -8.28 -19.82
N LYS C 42 -13.68 -9.50 -19.27
CA LYS C 42 -14.74 -10.14 -18.52
C LYS C 42 -14.15 -10.56 -17.19
N ALA C 43 -15.02 -10.74 -16.19
CA ALA C 43 -14.61 -11.25 -14.88
C ALA C 43 -14.24 -12.72 -14.95
N PRO C 44 -13.33 -13.18 -14.07
CA PRO C 44 -13.05 -14.61 -14.00
C PRO C 44 -14.30 -15.45 -13.67
N LYS C 45 -14.34 -16.64 -14.25
CA LYS C 45 -15.43 -17.57 -14.05
C LYS C 45 -14.82 -18.81 -13.41
N LEU C 46 -15.45 -19.30 -12.33
CA LEU C 46 -14.97 -20.49 -11.63
C LEU C 46 -15.24 -21.78 -12.41
N LEU C 47 -14.19 -22.57 -12.62
CA LEU C 47 -14.30 -23.86 -13.31
C LEU C 47 -14.23 -25.04 -12.35
N ILE C 48 -13.17 -25.06 -11.53
CA ILE C 48 -12.90 -26.22 -10.67
C ILE C 48 -12.63 -25.73 -9.26
N TYR C 49 -13.10 -26.53 -8.29
CA TYR C 49 -12.80 -26.33 -6.88
C TYR C 49 -12.37 -27.65 -6.30
N SER C 50 -11.59 -27.57 -5.21
CA SER C 50 -11.04 -28.73 -4.52
C SER C 50 -10.22 -29.64 -5.42
N ALA C 51 -9.52 -29.03 -6.36
CA ALA C 51 -8.63 -29.74 -7.28
C ALA C 51 -9.32 -30.49 -8.43
N SER C 52 -10.45 -31.14 -8.15
CA SER C 52 -11.04 -32.06 -9.13
C SER C 52 -12.53 -31.93 -9.35
N PHE C 53 -13.17 -30.99 -8.67
CA PHE C 53 -14.63 -30.91 -8.69
C PHE C 53 -15.10 -29.87 -9.64
N LEU C 54 -15.93 -30.30 -10.58
CA LEU C 54 -16.49 -29.40 -11.59
C LEU C 54 -17.64 -28.58 -11.03
N TYR C 55 -17.57 -27.26 -11.20
CA TYR C 55 -18.64 -26.38 -10.74
C TYR C 55 -19.85 -26.52 -11.66
N SER C 56 -21.04 -26.28 -11.11
CA SER C 56 -22.29 -26.40 -11.86
C SER C 56 -22.34 -25.61 -13.15
N GLY C 57 -22.77 -26.27 -14.23
CA GLY C 57 -22.95 -25.63 -15.54
C GLY C 57 -21.68 -25.40 -16.31
N VAL C 58 -20.56 -25.93 -15.80
CA VAL C 58 -19.32 -25.90 -16.52
C VAL C 58 -19.29 -27.08 -17.47
N PRO C 59 -18.96 -26.84 -18.74
CA PRO C 59 -18.74 -27.92 -19.72
C PRO C 59 -17.85 -29.06 -19.18
N SER C 60 -18.15 -30.28 -19.60
CA SER C 60 -17.43 -31.45 -19.07
C SER C 60 -16.05 -31.67 -19.68
N ARG C 61 -15.71 -30.91 -20.72
CA ARG C 61 -14.36 -31.01 -21.30
C ARG C 61 -13.30 -30.43 -20.38
N PHE C 62 -13.73 -29.72 -19.35
CA PHE C 62 -12.81 -29.25 -18.30
C PHE C 62 -12.83 -30.23 -17.15
N SER C 63 -11.65 -30.64 -16.73
CA SER C 63 -11.55 -31.48 -15.56
C SER C 63 -10.27 -31.14 -14.82
N GLY C 64 -10.20 -31.52 -13.55
CA GLY C 64 -9.03 -31.21 -12.72
C GLY C 64 -8.42 -32.39 -12.00
N SER C 65 -7.11 -32.35 -11.84
CA SER C 65 -6.34 -33.40 -11.15
C SER C 65 -5.36 -32.79 -10.17
N GLY C 66 -4.77 -33.64 -9.33
CA GLY C 66 -3.64 -33.24 -8.50
C GLY C 66 -3.81 -33.37 -7.00
N SER C 67 -2.70 -33.61 -6.31
CA SER C 67 -2.70 -33.70 -4.86
C SER C 67 -1.42 -33.14 -4.31
N GLY C 68 -1.55 -32.45 -3.18
CA GLY C 68 -0.42 -31.96 -2.41
C GLY C 68 0.23 -30.76 -3.04
N THR C 69 1.02 -31.00 -4.08
CA THR C 69 1.94 -30.01 -4.62
C THR C 69 1.86 -29.76 -6.14
N ASP C 70 1.30 -30.71 -6.90
CA ASP C 70 1.19 -30.56 -8.36
C ASP C 70 -0.25 -30.73 -8.82
N PHE C 71 -0.73 -29.77 -9.59
CA PHE C 71 -2.13 -29.73 -10.03
C PHE C 71 -2.30 -29.47 -11.54
N THR C 72 -3.36 -30.01 -12.13
CA THR C 72 -3.56 -29.94 -13.56
C THR C 72 -5.00 -29.66 -13.89
N LEU C 73 -5.19 -28.68 -14.75
CA LEU C 73 -6.47 -28.47 -15.42
C LEU C 73 -6.31 -29.01 -16.82
N THR C 74 -7.35 -29.67 -17.31
CA THR C 74 -7.30 -30.30 -18.60
C THR C 74 -8.53 -29.94 -19.38
N ILE C 75 -8.33 -29.51 -20.62
CA ILE C 75 -9.40 -29.39 -21.61
C ILE C 75 -9.23 -30.55 -22.59
N SER C 76 -10.22 -31.42 -22.64
CA SER C 76 -10.14 -32.65 -23.45
C SER C 76 -10.26 -32.42 -24.96
N SER C 77 -11.14 -31.49 -25.35
CA SER C 77 -11.43 -31.21 -26.74
C SER C 77 -11.60 -29.70 -26.91
N LEU C 78 -10.49 -29.03 -27.23
CA LEU C 78 -10.47 -27.57 -27.22
C LEU C 78 -11.48 -26.99 -28.21
N GLN C 79 -12.25 -26.02 -27.73
CA GLN C 79 -13.27 -25.36 -28.52
C GLN C 79 -12.85 -23.93 -28.79
N PRO C 80 -13.35 -23.34 -29.88
CA PRO C 80 -13.02 -21.95 -30.21
C PRO C 80 -13.34 -20.98 -29.07
N GLU C 81 -14.46 -21.19 -28.39
CA GLU C 81 -14.87 -20.31 -27.27
C GLU C 81 -13.89 -20.33 -26.09
N ASP C 82 -13.06 -21.37 -26.03
CA ASP C 82 -12.19 -21.57 -24.87
C ASP C 82 -10.94 -20.68 -24.87
N PHE C 83 -10.81 -19.84 -25.90
CA PHE C 83 -9.81 -18.79 -25.87
C PHE C 83 -9.94 -17.98 -24.58
N ALA C 84 -8.87 -17.89 -23.81
CA ALA C 84 -8.85 -17.12 -22.56
C ALA C 84 -7.53 -17.32 -21.79
N THR C 85 -7.46 -16.73 -20.59
CA THR C 85 -6.37 -16.95 -19.66
C THR C 85 -6.91 -17.76 -18.49
N TYR C 86 -6.18 -18.79 -18.08
CA TYR C 86 -6.64 -19.66 -17.01
C TYR C 86 -5.74 -19.47 -15.78
N TYR C 87 -6.33 -19.62 -14.58
CA TYR C 87 -5.62 -19.41 -13.32
C TYR C 87 -5.91 -20.50 -12.28
N CYS C 88 -4.85 -21.02 -11.65
CA CYS C 88 -4.97 -21.83 -10.45
C CYS C 88 -4.94 -20.87 -9.27
N GLN C 89 -5.63 -21.23 -8.18
CA GLN C 89 -5.62 -20.44 -6.96
C GLN C 89 -5.55 -21.35 -5.77
N GLN C 90 -4.60 -21.07 -4.87
CA GLN C 90 -4.63 -21.74 -3.56
C GLN C 90 -5.81 -21.21 -2.75
N SER C 91 -6.70 -22.11 -2.34
CA SER C 91 -7.93 -21.67 -1.66
C SER C 91 -7.92 -21.88 -0.15
N GLU C 92 -6.77 -22.31 0.37
CA GLU C 92 -6.59 -22.51 1.80
C GLU C 92 -5.11 -22.70 2.12
N PRO C 93 -4.57 -21.92 3.07
CA PRO C 93 -5.20 -20.86 3.85
C PRO C 93 -4.94 -19.48 3.26
N GLU C 94 -5.51 -18.44 3.87
CA GLU C 94 -5.16 -17.06 3.56
C GLU C 94 -3.63 -16.88 3.71
N PRO C 95 -3.00 -16.09 2.80
CA PRO C 95 -3.58 -15.39 1.68
C PRO C 95 -3.76 -16.38 0.57
N TYR C 96 -4.81 -16.19 -0.20
CA TYR C 96 -5.12 -17.05 -1.32
C TYR C 96 -4.33 -16.53 -2.49
N THR C 97 -3.21 -17.18 -2.78
CA THR C 97 -2.36 -16.74 -3.88
C THR C 97 -2.82 -17.36 -5.21
N PHE C 98 -2.86 -16.51 -6.24
CA PHE C 98 -3.18 -16.90 -7.60
C PHE C 98 -1.90 -17.23 -8.37
N GLY C 99 -2.01 -18.16 -9.32
CA GLY C 99 -0.92 -18.41 -10.26
C GLY C 99 -0.78 -17.29 -11.28
N GLN C 100 0.33 -17.30 -12.01
CA GLN C 100 0.65 -16.24 -12.97
C GLN C 100 -0.33 -16.14 -14.13
N GLY C 101 -0.97 -17.25 -14.49
CA GLY C 101 -1.87 -17.28 -15.62
C GLY C 101 -1.33 -18.05 -16.81
N THR C 102 -2.23 -18.57 -17.64
CA THR C 102 -1.85 -19.22 -18.89
C THR C 102 -2.78 -18.76 -19.99
N LYS C 103 -2.22 -18.07 -20.97
CA LYS C 103 -2.97 -17.62 -22.11
C LYS C 103 -3.11 -18.76 -23.12
N VAL C 104 -4.35 -19.09 -23.48
CA VAL C 104 -4.62 -20.12 -24.50
C VAL C 104 -5.14 -19.50 -25.79
N GLU C 105 -4.36 -19.62 -26.86
CA GLU C 105 -4.79 -19.24 -28.19
C GLU C 105 -5.13 -20.44 -29.05
N ILE C 106 -6.17 -20.29 -29.86
CA ILE C 106 -6.55 -21.30 -30.82
C ILE C 106 -5.65 -21.26 -32.06
N LYS C 107 -5.16 -22.42 -32.47
CA LYS C 107 -4.51 -22.60 -33.75
C LYS C 107 -5.56 -22.91 -34.83
N ARG C 108 -5.37 -22.29 -35.99
CA ARG C 108 -6.38 -22.21 -37.02
C ARG C 108 -5.72 -22.22 -38.39
N THR C 109 -6.47 -22.66 -39.38
CA THR C 109 -6.08 -22.53 -40.78
C THR C 109 -5.59 -21.10 -41.08
N VAL C 110 -4.66 -20.92 -42.01
CA VAL C 110 -4.13 -19.58 -42.32
C VAL C 110 -5.09 -18.72 -43.13
N ALA C 111 -5.20 -17.44 -42.77
CA ALA C 111 -6.10 -16.51 -43.48
C ALA C 111 -5.47 -15.12 -43.66
N ALA C 112 -5.39 -14.67 -44.92
CA ALA C 112 -4.77 -13.37 -45.21
C ALA C 112 -5.72 -12.23 -44.93
N PRO C 113 -5.19 -11.10 -44.44
CA PRO C 113 -6.05 -10.02 -43.99
C PRO C 113 -6.67 -9.28 -45.14
N SER C 114 -7.83 -8.68 -44.89
CA SER C 114 -8.45 -7.78 -45.85
C SER C 114 -8.13 -6.36 -45.43
N VAL C 115 -7.47 -5.63 -46.34
CA VAL C 115 -6.89 -4.34 -45.99
C VAL C 115 -7.76 -3.19 -46.43
N PHE C 116 -7.86 -2.19 -45.55
CA PHE C 116 -8.52 -0.92 -45.84
C PHE C 116 -7.69 0.26 -45.33
N ILE C 117 -7.79 1.39 -46.04
CA ILE C 117 -7.23 2.67 -45.63
C ILE C 117 -8.33 3.75 -45.49
N PHE C 118 -8.11 4.67 -44.55
CA PHE C 118 -9.07 5.74 -44.20
C PHE C 118 -8.39 7.10 -44.13
N PRO C 119 -8.75 8.04 -45.02
CA PRO C 119 -8.19 9.38 -44.92
C PRO C 119 -8.81 10.09 -43.72
N PRO C 120 -8.18 11.16 -43.24
CA PRO C 120 -8.74 11.88 -42.11
C PRO C 120 -9.95 12.69 -42.54
N SER C 121 -10.92 12.80 -41.64
CA SER C 121 -12.09 13.65 -41.84
C SER C 121 -11.69 15.12 -41.88
N ASP C 122 -12.42 15.92 -42.65
CA ASP C 122 -12.12 17.34 -42.74
C ASP C 122 -12.22 18.08 -41.38
N GLU C 123 -13.12 17.61 -40.52
CA GLU C 123 -13.35 18.20 -39.19
C GLU C 123 -12.16 18.09 -38.25
N GLN C 124 -11.32 17.09 -38.49
CA GLN C 124 -10.11 16.89 -37.70
C GLN C 124 -9.01 17.83 -38.18
N LEU C 125 -8.94 17.98 -39.49
CA LEU C 125 -7.97 18.86 -40.11
C LEU C 125 -8.12 20.27 -39.54
N LYS C 126 -9.37 20.68 -39.33
CA LYS C 126 -9.65 21.96 -38.67
C LYS C 126 -8.78 22.19 -37.44
N SER C 127 -8.68 21.20 -36.55
CA SER C 127 -7.91 21.35 -35.32
C SER C 127 -6.43 21.01 -35.47
N GLY C 128 -5.94 21.05 -36.71
CA GLY C 128 -4.50 21.02 -37.00
C GLY C 128 -3.80 19.69 -36.89
N THR C 129 -4.54 18.59 -37.04
CA THR C 129 -3.96 17.25 -36.97
C THR C 129 -4.59 16.28 -37.96
N ALA C 130 -3.82 15.27 -38.36
CA ALA C 130 -4.29 14.30 -39.34
C ALA C 130 -4.04 12.86 -38.91
N SER C 131 -5.11 12.06 -38.89
CA SER C 131 -4.98 10.64 -38.56
C SER C 131 -5.39 9.74 -39.72
N VAL C 132 -4.43 8.95 -40.22
CA VAL C 132 -4.71 8.05 -41.32
C VAL C 132 -4.71 6.66 -40.80
N VAL C 133 -5.81 5.94 -41.01
CA VAL C 133 -5.97 4.61 -40.43
C VAL C 133 -5.89 3.48 -41.46
N CYS C 134 -5.20 2.41 -41.10
CA CYS C 134 -5.13 1.24 -41.93
C CYS C 134 -5.64 0.04 -41.12
N LEU C 135 -6.67 -0.63 -41.66
CA LEU C 135 -7.31 -1.78 -41.02
C LEU C 135 -6.97 -3.09 -41.75
N LEU C 136 -6.56 -4.10 -40.99
CA LEU C 136 -6.36 -5.42 -41.53
C LEU C 136 -7.33 -6.28 -40.77
N ASN C 137 -8.17 -7.00 -41.49
CA ASN C 137 -9.33 -7.60 -40.90
C ASN C 137 -9.34 -9.13 -41.03
N ASN C 138 -9.67 -9.79 -39.91
CA ASN C 138 -10.01 -11.22 -39.85
C ASN C 138 -8.92 -12.09 -40.44
N PHE C 139 -7.74 -12.02 -39.86
CA PHE C 139 -6.59 -12.74 -40.38
C PHE C 139 -5.91 -13.66 -39.34
N TYR C 140 -5.20 -14.67 -39.82
CA TYR C 140 -4.45 -15.55 -38.94
C TYR C 140 -3.21 -16.05 -39.69
N PRO C 141 -2.05 -16.15 -39.00
CA PRO C 141 -1.68 -15.87 -37.61
C PRO C 141 -1.67 -14.42 -37.24
N ARG C 142 -1.30 -14.16 -35.98
CA ARG C 142 -1.24 -12.82 -35.44
C ARG C 142 -0.18 -11.97 -36.12
N GLU C 143 0.99 -12.55 -36.40
CA GLU C 143 2.15 -11.78 -36.86
C GLU C 143 1.98 -11.25 -38.29
N ALA C 144 1.79 -9.92 -38.38
CA ALA C 144 1.62 -9.21 -39.63
C ALA C 144 2.35 -7.87 -39.60
N LYS C 145 2.59 -7.27 -40.76
CA LYS C 145 3.44 -6.07 -40.87
C LYS C 145 2.78 -4.97 -41.64
N VAL C 146 2.63 -3.83 -40.97
CA VAL C 146 2.06 -2.64 -41.59
C VAL C 146 3.13 -1.58 -41.76
N GLN C 147 3.46 -1.31 -43.02
N GLN C 147 3.50 -1.31 -43.01
CA GLN C 147 4.39 -0.25 -43.39
CA GLN C 147 4.42 -0.23 -43.34
C GLN C 147 3.65 0.90 -44.04
C GLN C 147 3.69 0.90 -44.04
N TRP C 148 3.84 2.12 -43.52
CA TRP C 148 3.32 3.31 -44.17
C TRP C 148 4.31 3.84 -45.20
N LYS C 149 3.81 4.18 -46.39
CA LYS C 149 4.60 5.01 -47.31
C LYS C 149 3.85 6.32 -47.54
N VAL C 150 4.60 7.41 -47.55
CA VAL C 150 4.05 8.74 -47.77
C VAL C 150 4.83 9.38 -48.91
N ASP C 151 4.17 9.58 -50.04
CA ASP C 151 4.84 9.93 -51.32
C ASP C 151 5.91 8.90 -51.68
N ASN C 152 5.66 7.64 -51.35
CA ASN C 152 6.62 6.53 -51.56
C ASN C 152 7.82 6.48 -50.64
N ALA C 153 7.77 7.26 -49.56
CA ALA C 153 8.79 7.21 -48.52
C ALA C 153 8.34 6.37 -47.32
N LEU C 154 9.20 5.46 -46.87
CA LEU C 154 8.86 4.60 -45.74
C LEU C 154 8.88 5.37 -44.44
N GLN C 155 7.86 5.15 -43.62
CA GLN C 155 7.68 5.92 -42.39
C GLN C 155 8.13 5.12 -41.20
N SER C 156 8.59 5.85 -40.20
CA SER C 156 9.18 5.28 -39.01
C SER C 156 8.77 6.13 -37.82
N GLY C 157 8.38 5.47 -36.74
CA GLY C 157 8.10 6.13 -35.46
C GLY C 157 6.99 7.18 -35.43
N ASN C 158 6.00 7.03 -36.29
CA ASN C 158 4.93 8.02 -36.40
C ASN C 158 3.58 7.33 -36.55
N SER C 159 3.56 6.04 -36.22
CA SER C 159 2.39 5.18 -36.32
C SER C 159 2.29 4.31 -35.07
N GLN C 160 1.10 3.82 -34.78
CA GLN C 160 0.87 2.93 -33.65
C GLN C 160 -0.09 1.79 -33.97
N GLU C 161 0.25 0.58 -33.54
CA GLU C 161 -0.58 -0.59 -33.81
C GLU C 161 -1.38 -0.98 -32.58
N SER C 162 -2.62 -1.38 -32.81
CA SER C 162 -3.44 -2.00 -31.78
C SER C 162 -4.10 -3.26 -32.31
N VAL C 163 -4.05 -4.32 -31.51
CA VAL C 163 -4.48 -5.65 -31.95
C VAL C 163 -5.71 -6.14 -31.20
N THR C 164 -6.70 -6.55 -31.98
CA THR C 164 -7.88 -7.21 -31.46
C THR C 164 -7.47 -8.49 -30.76
N GLU C 165 -8.12 -8.74 -29.62
CA GLU C 165 -8.03 -10.01 -28.92
C GLU C 165 -8.71 -11.07 -29.79
N GLN C 166 -8.06 -12.23 -29.93
CA GLN C 166 -8.54 -13.30 -30.84
C GLN C 166 -10.05 -13.48 -30.81
N ASP C 167 -10.66 -13.55 -31.98
CA ASP C 167 -12.09 -13.74 -32.07
C ASP C 167 -12.48 -15.11 -31.56
N SER C 168 -13.57 -15.17 -30.80
CA SER C 168 -13.96 -16.41 -30.11
C SER C 168 -14.88 -17.33 -30.91
N LYS C 169 -15.19 -16.95 -32.15
CA LYS C 169 -16.05 -17.74 -33.00
C LYS C 169 -15.30 -18.28 -34.22
N ASP C 170 -14.54 -17.42 -34.88
CA ASP C 170 -13.73 -17.85 -36.03
C ASP C 170 -12.21 -17.71 -35.81
N SER C 171 -11.82 -17.37 -34.59
CA SER C 171 -10.42 -17.40 -34.15
C SER C 171 -9.47 -16.51 -34.96
N THR C 172 -9.98 -15.38 -35.42
CA THR C 172 -9.16 -14.45 -36.23
C THR C 172 -8.74 -13.22 -35.41
N TYR C 173 -7.78 -12.47 -35.94
CA TYR C 173 -7.35 -11.23 -35.32
C TYR C 173 -7.64 -10.06 -36.25
N SER C 174 -7.79 -8.86 -35.68
CA SER C 174 -7.79 -7.64 -36.46
C SER C 174 -6.72 -6.68 -35.95
N LEU C 175 -6.21 -5.84 -36.85
CA LEU C 175 -5.19 -4.85 -36.51
C LEU C 175 -5.59 -3.50 -37.08
N SER C 176 -5.35 -2.45 -36.30
CA SER C 176 -5.43 -1.07 -36.76
C SER C 176 -4.07 -0.40 -36.52
N SER C 177 -3.62 0.32 -37.54
CA SER C 177 -2.39 1.11 -37.47
C SER C 177 -2.75 2.54 -37.86
N THR C 178 -2.24 3.50 -37.10
CA THR C 178 -2.63 4.89 -37.27
C THR C 178 -1.43 5.79 -37.44
N LEU C 179 -1.40 6.49 -38.57
CA LEU C 179 -0.37 7.44 -38.88
C LEU C 179 -0.87 8.81 -38.49
N THR C 180 -0.12 9.48 -37.61
CA THR C 180 -0.51 10.78 -37.06
C THR C 180 0.53 11.82 -37.41
N LEU C 181 0.06 12.93 -37.98
CA LEU C 181 0.92 14.10 -38.23
C LEU C 181 0.23 15.46 -38.16
N SER C 182 1.06 16.50 -38.04
CA SER C 182 0.65 17.88 -38.09
C SER C 182 0.07 18.16 -39.50
N LYS C 183 -1.10 18.77 -39.57
CA LYS C 183 -1.74 19.00 -40.87
C LYS C 183 -0.85 19.78 -41.86
N ALA C 184 0.12 20.51 -41.32
CA ALA C 184 1.14 21.14 -42.15
C ALA C 184 2.02 20.06 -42.79
N ASP C 185 2.34 19.02 -42.01
CA ASP C 185 3.11 17.90 -42.53
C ASP C 185 2.27 17.06 -43.50
N TYR C 186 0.99 16.91 -43.18
CA TYR C 186 0.06 16.19 -44.04
C TYR C 186 -0.11 16.90 -45.37
N GLU C 187 -0.32 18.21 -45.31
CA GLU C 187 -0.64 18.98 -46.49
C GLU C 187 0.54 19.19 -47.39
N LYS C 188 1.71 18.71 -46.99
CA LYS C 188 2.86 18.80 -47.88
C LYS C 188 3.16 17.53 -48.69
N HIS C 189 2.25 16.55 -48.65
CA HIS C 189 2.46 15.29 -49.33
C HIS C 189 1.19 14.85 -50.07
N LYS C 190 1.38 14.03 -51.11
CA LYS C 190 0.35 13.75 -52.10
C LYS C 190 -0.38 12.42 -51.88
N VAL C 191 0.39 11.32 -51.95
CA VAL C 191 -0.14 9.95 -51.84
C VAL C 191 0.13 9.36 -50.45
N TYR C 192 -0.89 8.73 -49.87
CA TYR C 192 -0.72 8.06 -48.60
C TYR C 192 -1.05 6.59 -48.81
N ALA C 193 -0.04 5.77 -48.60
CA ALA C 193 -0.12 4.34 -48.89
C ALA C 193 0.11 3.51 -47.64
N CYS C 194 -0.43 2.31 -47.64
CA CYS C 194 -0.26 1.44 -46.50
C CYS C 194 0.04 0.04 -47.03
N GLU C 195 1.22 -0.47 -46.70
CA GLU C 195 1.72 -1.69 -47.30
C GLU C 195 1.77 -2.82 -46.30
N VAL C 196 1.16 -3.96 -46.65
CA VAL C 196 0.93 -5.04 -45.69
C VAL C 196 1.59 -6.35 -46.10
N THR C 197 2.11 -7.05 -45.10
CA THR C 197 2.83 -8.29 -45.28
C THR C 197 2.30 -9.30 -44.26
N HIS C 198 2.03 -10.54 -44.70
CA HIS C 198 1.47 -11.60 -43.85
C HIS C 198 1.82 -12.98 -44.40
N GLN C 199 1.71 -14.01 -43.55
CA GLN C 199 1.95 -15.37 -44.00
C GLN C 199 0.96 -15.80 -45.10
N GLY C 200 -0.26 -15.29 -45.05
CA GLY C 200 -1.27 -15.58 -46.06
C GLY C 200 -1.02 -14.87 -47.38
N LEU C 201 -0.02 -14.00 -47.40
CA LEU C 201 0.35 -13.21 -48.58
C LEU C 201 1.75 -13.58 -49.05
N SER C 202 1.90 -13.78 -50.36
CA SER C 202 3.23 -14.08 -50.92
C SER C 202 3.79 -12.85 -51.62
N SER C 203 3.06 -11.74 -51.51
CA SER C 203 3.44 -10.47 -52.11
C SER C 203 2.67 -9.35 -51.38
N PRO C 204 3.39 -8.30 -50.91
CA PRO C 204 2.80 -7.23 -50.07
C PRO C 204 1.55 -6.61 -50.69
N VAL C 205 0.53 -6.37 -49.87
CA VAL C 205 -0.70 -5.71 -50.35
C VAL C 205 -0.76 -4.23 -49.97
N THR C 206 -0.83 -3.37 -50.97
CA THR C 206 -0.84 -1.93 -50.77
C THR C 206 -2.24 -1.34 -50.99
N LYS C 207 -2.64 -0.44 -50.11
CA LYS C 207 -3.90 0.25 -50.24
C LYS C 207 -3.63 1.75 -50.07
N SER C 208 -4.05 2.56 -51.04
CA SER C 208 -3.75 3.99 -50.98
C SER C 208 -4.83 4.96 -51.46
N PHE C 209 -4.59 6.24 -51.19
CA PHE C 209 -5.47 7.33 -51.63
C PHE C 209 -4.66 8.60 -51.91
N ASN C 210 -5.27 9.56 -52.61
CA ASN C 210 -4.65 10.88 -52.81
C ASN C 210 -5.39 11.99 -52.10
N ARG C 211 -4.63 12.83 -51.42
CA ARG C 211 -5.18 13.95 -50.64
C ARG C 211 -6.17 14.78 -51.47
N GLY C 212 -7.47 14.63 -51.18
CA GLY C 212 -8.52 15.32 -51.94
C GLY C 212 -8.52 15.06 -53.45
N GLU D 1 -29.94 -13.86 -11.48
CA GLU D 1 -30.51 -13.77 -10.11
C GLU D 1 -29.51 -13.20 -9.11
N VAL D 2 -28.39 -13.90 -8.92
CA VAL D 2 -27.30 -13.45 -8.05
C VAL D 2 -26.35 -12.56 -8.85
N GLN D 3 -25.98 -11.40 -8.30
CA GLN D 3 -24.88 -10.64 -8.89
C GLN D 3 -24.28 -9.52 -8.03
N LEU D 4 -23.04 -9.16 -8.34
CA LEU D 4 -22.33 -8.06 -7.70
C LEU D 4 -22.11 -6.93 -8.69
N VAL D 5 -22.34 -5.71 -8.24
CA VAL D 5 -22.07 -4.54 -9.06
C VAL D 5 -21.20 -3.57 -8.32
N GLU D 6 -20.06 -3.29 -8.92
CA GLU D 6 -19.05 -2.44 -8.30
C GLU D 6 -19.03 -1.06 -8.94
N SER D 7 -18.67 -0.07 -8.15
CA SER D 7 -18.66 1.31 -8.61
C SER D 7 -17.71 2.15 -7.76
N GLY D 8 -17.58 3.43 -8.10
CA GLY D 8 -16.71 4.34 -7.39
C GLY D 8 -15.34 4.49 -8.03
N GLY D 9 -15.00 3.59 -8.95
CA GLY D 9 -13.72 3.66 -9.67
C GLY D 9 -13.57 4.94 -10.47
N GLY D 10 -12.36 5.19 -10.97
CA GLY D 10 -12.08 6.44 -11.68
C GLY D 10 -10.64 6.92 -11.51
N LEU D 11 -10.43 8.21 -11.72
CA LEU D 11 -9.09 8.80 -11.70
C LEU D 11 -8.74 9.29 -10.30
N VAL D 12 -7.47 9.18 -9.90
CA VAL D 12 -7.05 9.63 -8.57
C VAL D 12 -5.62 10.12 -8.60
N GLN D 13 -5.38 11.24 -7.91
CA GLN D 13 -4.06 11.81 -7.76
C GLN D 13 -3.19 10.85 -6.91
N PRO D 14 -1.90 10.67 -7.26
CA PRO D 14 -1.05 9.82 -6.43
C PRO D 14 -0.92 10.38 -5.02
N GLY D 15 -1.06 9.50 -4.03
CA GLY D 15 -1.06 9.89 -2.63
C GLY D 15 -2.48 10.10 -2.14
N GLY D 16 -3.43 10.04 -3.06
CA GLY D 16 -4.83 10.29 -2.76
C GLY D 16 -5.55 9.05 -2.30
N SER D 17 -6.87 9.20 -2.14
CA SER D 17 -7.70 8.17 -1.57
C SER D 17 -8.94 7.94 -2.43
N LEU D 18 -9.54 6.75 -2.29
CA LEU D 18 -10.74 6.38 -3.04
C LEU D 18 -11.48 5.25 -2.31
N ARG D 19 -12.81 5.27 -2.43
CA ARG D 19 -13.66 4.23 -1.87
C ARG D 19 -14.51 3.57 -2.94
N LEU D 20 -14.33 2.27 -3.07
CA LEU D 20 -15.06 1.44 -4.01
C LEU D 20 -16.20 0.76 -3.28
N SER D 21 -17.30 0.51 -4.02
CA SER D 21 -18.50 -0.11 -3.47
C SER D 21 -18.93 -1.35 -4.26
N CYS D 22 -19.24 -2.41 -3.54
CA CYS D 22 -19.66 -3.66 -4.14
C CYS D 22 -21.07 -3.92 -3.68
N ALA D 23 -22.04 -3.74 -4.57
CA ALA D 23 -23.45 -3.88 -4.20
C ALA D 23 -23.96 -5.27 -4.58
N ALA D 24 -24.49 -5.98 -3.59
CA ALA D 24 -24.96 -7.35 -3.80
C ALA D 24 -26.46 -7.42 -4.04
N SER D 25 -26.84 -8.20 -5.04
CA SER D 25 -28.26 -8.44 -5.33
C SER D 25 -28.52 -9.93 -5.49
N GLY D 26 -29.65 -10.38 -4.95
CA GLY D 26 -30.12 -11.76 -5.16
C GLY D 26 -29.68 -12.74 -4.09
N PHE D 27 -29.16 -12.21 -2.99
CA PHE D 27 -28.78 -13.01 -1.84
C PHE D 27 -28.44 -12.07 -0.71
N THR D 28 -28.57 -12.55 0.52
CA THR D 28 -28.24 -11.74 1.69
C THR D 28 -26.75 -11.83 2.05
N LEU D 29 -26.15 -10.66 2.31
CA LEU D 29 -24.74 -10.57 2.68
C LEU D 29 -24.38 -11.25 3.99
N SER D 30 -25.23 -11.09 4.99
CA SER D 30 -24.99 -11.71 6.30
C SER D 30 -24.82 -13.22 6.13
N GLY D 31 -23.72 -13.75 6.61
CA GLY D 31 -23.44 -15.18 6.51
C GLY D 31 -22.67 -15.56 5.27
N ASP D 32 -22.52 -14.62 4.35
CA ASP D 32 -21.72 -14.83 3.16
C ASP D 32 -20.33 -14.20 3.32
N TRP D 33 -19.46 -14.42 2.35
CA TRP D 33 -18.09 -13.96 2.43
C TRP D 33 -17.70 -13.17 1.18
N ILE D 34 -17.15 -11.97 1.35
CA ILE D 34 -16.76 -11.13 0.20
C ILE D 34 -15.25 -10.89 0.05
N HIS D 35 -14.78 -11.08 -1.17
CA HIS D 35 -13.39 -10.86 -1.51
C HIS D 35 -13.18 -9.71 -2.52
N TRP D 36 -12.16 -8.91 -2.30
CA TRP D 36 -11.71 -7.97 -3.30
C TRP D 36 -10.42 -8.47 -3.95
N VAL D 37 -10.42 -8.41 -5.28
CA VAL D 37 -9.33 -8.90 -6.10
C VAL D 37 -9.09 -7.89 -7.23
N ARG D 38 -7.82 -7.56 -7.47
CA ARG D 38 -7.50 -6.65 -8.56
C ARG D 38 -6.63 -7.28 -9.62
N GLN D 39 -6.53 -6.58 -10.75
CA GLN D 39 -5.82 -7.03 -11.91
C GLN D 39 -5.25 -5.79 -12.57
N ALA D 40 -3.94 -5.65 -12.45
CA ALA D 40 -3.23 -4.56 -13.11
C ALA D 40 -3.28 -4.89 -14.60
N PRO D 41 -3.32 -3.86 -15.47
CA PRO D 41 -3.76 -4.08 -16.85
C PRO D 41 -2.98 -5.18 -17.57
N GLY D 42 -1.66 -5.13 -17.45
CA GLY D 42 -0.80 -6.14 -18.06
C GLY D 42 -0.85 -7.50 -17.39
N LYS D 43 -0.85 -7.51 -16.05
CA LYS D 43 -0.53 -8.72 -15.28
C LYS D 43 -1.72 -9.56 -14.78
N GLY D 44 -1.45 -10.43 -13.82
CA GLY D 44 -2.42 -11.41 -13.37
C GLY D 44 -3.20 -10.99 -12.16
N LEU D 45 -3.86 -11.96 -11.53
CA LEU D 45 -4.84 -11.67 -10.49
C LEU D 45 -4.16 -11.56 -9.17
N GLU D 46 -4.64 -10.64 -8.33
CA GLU D 46 -4.10 -10.49 -7.00
C GLU D 46 -5.22 -10.40 -5.98
N TRP D 47 -5.19 -11.29 -5.00
CA TRP D 47 -6.12 -11.22 -3.87
C TRP D 47 -5.77 -10.10 -2.88
N LEU D 48 -6.70 -9.20 -2.64
CA LEU D 48 -6.45 -8.13 -1.64
C LEU D 48 -7.01 -8.44 -0.26
N GLY D 49 -8.29 -8.81 -0.20
CA GLY D 49 -8.94 -8.99 1.08
C GLY D 49 -10.18 -9.85 1.14
N GLU D 50 -10.73 -9.94 2.35
CA GLU D 50 -11.80 -10.85 2.67
C GLU D 50 -12.54 -10.24 3.88
N ILE D 51 -13.87 -10.23 3.81
CA ILE D 51 -14.70 -9.82 4.94
C ILE D 51 -15.87 -10.78 5.11
N SER D 52 -16.20 -11.11 6.36
CA SER D 52 -17.43 -11.83 6.66
C SER D 52 -18.45 -10.82 7.14
N ALA D 53 -19.40 -10.53 6.27
CA ALA D 53 -20.43 -9.50 6.52
C ALA D 53 -21.01 -9.60 7.93
N ALA D 54 -21.38 -10.82 8.32
CA ALA D 54 -21.87 -11.09 9.67
C ALA D 54 -20.69 -11.10 10.65
N GLY D 55 -20.67 -10.13 11.55
CA GLY D 55 -19.62 -10.01 12.55
C GLY D 55 -18.51 -9.07 12.14
N GLY D 56 -18.32 -8.93 10.83
CA GLY D 56 -17.42 -7.94 10.27
C GLY D 56 -15.95 -8.30 10.35
N TYR D 57 -15.64 -9.59 10.49
CA TYR D 57 -14.26 -10.08 10.47
C TYR D 57 -13.62 -9.87 9.10
N THR D 58 -12.34 -9.48 9.09
CA THR D 58 -11.61 -9.19 7.85
C THR D 58 -10.20 -9.75 7.84
N ASP D 59 -9.65 -9.92 6.64
CA ASP D 59 -8.22 -10.19 6.45
C ASP D 59 -7.72 -9.65 5.11
N TYR D 60 -6.45 -9.25 5.07
CA TYR D 60 -5.87 -8.61 3.90
C TYR D 60 -4.57 -9.29 3.46
N ALA D 61 -4.15 -8.97 2.24
CA ALA D 61 -2.82 -9.34 1.77
C ALA D 61 -1.83 -8.36 2.39
N ASP D 62 -0.59 -8.80 2.57
CA ASP D 62 0.45 -7.94 3.16
C ASP D 62 0.68 -6.66 2.35
N SER D 63 0.60 -6.77 1.03
CA SER D 63 0.91 -5.63 0.17
C SER D 63 -0.10 -4.49 0.28
N VAL D 64 -1.21 -4.73 0.99
CA VAL D 64 -2.24 -3.72 1.13
C VAL D 64 -2.65 -3.47 2.57
N LYS D 65 -2.18 -4.33 3.48
CA LYS D 65 -2.52 -4.24 4.90
C LYS D 65 -2.13 -2.88 5.46
N GLY D 66 -3.04 -2.28 6.23
CA GLY D 66 -2.79 -0.98 6.84
C GLY D 66 -3.18 0.16 5.92
N ARG D 67 -3.02 -0.04 4.61
CA ARG D 67 -3.43 0.92 3.59
C ARG D 67 -4.92 0.84 3.20
N PHE D 68 -5.46 -0.37 3.18
CA PHE D 68 -6.80 -0.65 2.67
C PHE D 68 -7.69 -1.16 3.78
N THR D 69 -8.97 -0.78 3.74
CA THR D 69 -9.94 -1.25 4.71
C THR D 69 -11.19 -1.77 4.03
N ILE D 70 -11.60 -2.98 4.39
CA ILE D 70 -12.82 -3.55 3.87
C ILE D 70 -13.87 -3.44 4.93
N SER D 71 -15.06 -3.05 4.53
CA SER D 71 -16.20 -3.05 5.43
C SER D 71 -17.45 -3.42 4.65
N ALA D 72 -18.55 -3.56 5.39
CA ALA D 72 -19.82 -3.91 4.79
C ALA D 72 -20.96 -3.26 5.56
N ASP D 73 -22.00 -2.86 4.85
CA ASP D 73 -23.24 -2.49 5.51
C ASP D 73 -24.30 -3.51 5.17
N THR D 74 -24.55 -4.36 6.17
CA THR D 74 -25.47 -5.50 6.06
C THR D 74 -26.89 -5.05 5.66
N SER D 75 -27.30 -3.88 6.14
CA SER D 75 -28.66 -3.40 5.90
C SER D 75 -28.86 -2.81 4.50
N LYS D 76 -27.77 -2.47 3.81
CA LYS D 76 -27.87 -1.96 2.44
C LYS D 76 -27.34 -2.97 1.43
N ASN D 77 -26.91 -4.11 1.93
CA ASN D 77 -26.40 -5.22 1.12
C ASN D 77 -25.27 -4.78 0.19
N THR D 78 -24.28 -4.11 0.79
CA THR D 78 -23.18 -3.55 0.02
C THR D 78 -21.87 -3.68 0.80
N ALA D 79 -20.80 -4.00 0.09
CA ALA D 79 -19.49 -4.04 0.69
C ALA D 79 -18.64 -2.89 0.15
N TYR D 80 -17.54 -2.60 0.83
CA TYR D 80 -16.69 -1.47 0.50
C TYR D 80 -15.19 -1.79 0.54
N LEU D 81 -14.45 -1.13 -0.36
CA LEU D 81 -13.02 -1.08 -0.26
C LEU D 81 -12.55 0.36 -0.20
N GLN D 82 -12.11 0.80 0.97
CA GLN D 82 -11.50 2.13 1.10
C GLN D 82 -10.00 2.01 0.90
N MET D 83 -9.51 2.70 -0.12
CA MET D 83 -8.09 2.72 -0.48
C MET D 83 -7.51 4.06 -0.14
N ASN D 84 -6.42 4.06 0.61
CA ASN D 84 -5.73 5.27 0.99
C ASN D 84 -4.32 5.29 0.41
N SER D 85 -3.72 6.47 0.33
CA SER D 85 -2.32 6.62 -0.03
C SER D 85 -1.90 5.83 -1.28
N LEU D 86 -2.57 6.12 -2.40
CA LEU D 86 -2.45 5.35 -3.64
C LEU D 86 -1.16 5.57 -4.43
N ARG D 87 -0.67 4.53 -5.09
CA ARG D 87 0.49 4.60 -5.98
C ARG D 87 0.16 4.14 -7.39
N ALA D 88 1.01 4.52 -8.35
CA ALA D 88 0.90 4.05 -9.74
C ALA D 88 0.70 2.52 -9.86
N GLU D 89 1.33 1.77 -8.96
CA GLU D 89 1.19 0.31 -8.87
C GLU D 89 -0.26 -0.10 -8.65
N ASP D 90 -1.04 0.77 -8.00
CA ASP D 90 -2.40 0.45 -7.63
C ASP D 90 -3.43 0.64 -8.75
N THR D 91 -2.99 1.19 -9.87
CA THR D 91 -3.82 1.30 -11.07
C THR D 91 -4.18 -0.11 -11.50
N ALA D 92 -5.48 -0.41 -11.55
CA ALA D 92 -5.96 -1.78 -11.83
C ALA D 92 -7.48 -1.82 -12.02
N VAL D 93 -7.99 -2.97 -12.45
CA VAL D 93 -9.43 -3.23 -12.41
C VAL D 93 -9.75 -4.00 -11.14
N TYR D 94 -10.57 -3.41 -10.29
CA TYR D 94 -10.92 -3.99 -9.02
C TYR D 94 -12.25 -4.77 -9.09
N TYR D 95 -12.21 -6.02 -8.63
CA TYR D 95 -13.38 -6.89 -8.58
C TYR D 95 -13.70 -7.25 -7.13
N CYS D 96 -14.98 -7.43 -6.85
CA CYS D 96 -15.40 -8.05 -5.61
C CYS D 96 -16.10 -9.32 -6.05
N ALA D 97 -16.12 -10.31 -5.16
CA ALA D 97 -16.65 -11.63 -5.49
C ALA D 97 -17.06 -12.31 -4.20
N ARG D 98 -18.00 -13.25 -4.30
CA ARG D 98 -18.46 -13.98 -3.11
C ARG D 98 -17.97 -15.40 -3.13
N GLU D 99 -17.58 -15.88 -1.96
CA GLU D 99 -17.10 -17.24 -1.78
C GLU D 99 -18.19 -18.22 -2.17
N SER D 100 -17.78 -19.34 -2.74
CA SER D 100 -18.73 -20.38 -3.11
C SER D 100 -19.34 -21.01 -1.88
N ARG D 101 -20.55 -21.50 -2.06
CA ARG D 101 -21.34 -22.05 -1.00
C ARG D 101 -20.86 -23.48 -0.64
N VAL D 102 -19.99 -24.05 -1.47
CA VAL D 102 -19.76 -25.49 -1.53
C VAL D 102 -18.43 -26.01 -0.97
N SER D 103 -18.09 -25.61 0.24
CA SER D 103 -16.92 -26.12 1.00
C SER D 103 -16.18 -24.99 1.69
N PHE D 104 -15.26 -25.36 2.60
CA PHE D 104 -14.50 -24.41 3.41
C PHE D 104 -13.65 -23.48 2.53
N GLU D 105 -13.28 -24.01 1.37
CA GLU D 105 -12.43 -23.39 0.36
C GLU D 105 -12.83 -21.97 0.02
N ALA D 106 -11.84 -21.14 -0.29
CA ALA D 106 -12.13 -19.76 -0.69
C ALA D 106 -12.25 -19.67 -2.20
N ALA D 107 -13.09 -20.54 -2.76
CA ALA D 107 -13.46 -20.49 -4.16
C ALA D 107 -14.47 -19.35 -4.36
N MET D 108 -14.29 -18.57 -5.42
CA MET D 108 -15.14 -17.43 -5.67
C MET D 108 -15.97 -17.69 -6.92
N ASP D 109 -17.28 -17.82 -6.76
CA ASP D 109 -18.13 -18.28 -7.86
C ASP D 109 -18.98 -17.21 -8.52
N TYR D 110 -19.18 -16.08 -7.85
CA TYR D 110 -19.88 -14.93 -8.42
C TYR D 110 -19.04 -13.68 -8.35
N TRP D 111 -18.94 -12.98 -9.47
CA TRP D 111 -18.01 -11.86 -9.57
C TRP D 111 -18.74 -10.67 -10.12
N GLY D 112 -18.36 -9.47 -9.66
CA GLY D 112 -18.82 -8.24 -10.29
C GLY D 112 -18.22 -8.03 -11.67
N GLN D 113 -18.64 -6.96 -12.34
CA GLN D 113 -18.16 -6.67 -13.70
C GLN D 113 -16.71 -6.19 -13.66
N GLY D 114 -16.35 -5.50 -12.59
CA GLY D 114 -15.03 -4.93 -12.42
C GLY D 114 -15.03 -3.43 -12.66
N THR D 115 -14.20 -2.72 -11.93
CA THR D 115 -14.16 -1.28 -12.07
C THR D 115 -12.73 -0.79 -12.14
N LEU D 116 -12.49 0.14 -13.06
CA LEU D 116 -11.15 0.65 -13.30
C LEU D 116 -10.74 1.75 -12.33
N VAL D 117 -9.62 1.53 -11.65
CA VAL D 117 -9.02 2.57 -10.84
C VAL D 117 -7.71 2.93 -11.51
N THR D 118 -7.55 4.24 -11.75
CA THR D 118 -6.39 4.79 -12.44
C THR D 118 -5.77 5.82 -11.52
N VAL D 119 -4.53 5.59 -11.10
CA VAL D 119 -3.84 6.57 -10.28
C VAL D 119 -2.70 7.23 -11.05
N SER D 120 -2.87 8.53 -11.34
CA SER D 120 -1.87 9.38 -11.99
C SER D 120 -2.16 10.89 -11.80
N SER D 121 -1.13 11.71 -11.93
CA SER D 121 -1.29 13.16 -11.76
C SER D 121 -1.51 13.82 -13.12
N ALA D 122 -2.53 13.37 -13.81
CA ALA D 122 -2.88 13.89 -15.13
C ALA D 122 -4.33 14.33 -15.08
N SER D 123 -4.75 15.08 -16.08
CA SER D 123 -6.10 15.65 -16.09
C SER D 123 -7.06 14.92 -16.99
N THR D 124 -8.32 14.91 -16.57
CA THR D 124 -9.43 14.36 -17.33
C THR D 124 -9.57 15.10 -18.63
N LYS D 125 -9.81 14.37 -19.72
CA LYS D 125 -10.06 14.99 -21.01
C LYS D 125 -11.05 14.22 -21.86
N GLY D 126 -12.02 14.95 -22.39
CA GLY D 126 -13.04 14.39 -23.28
C GLY D 126 -12.49 14.03 -24.64
N PRO D 127 -12.98 12.93 -25.23
CA PRO D 127 -12.53 12.49 -26.54
C PRO D 127 -13.18 13.29 -27.65
N SER D 128 -12.50 13.40 -28.78
CA SER D 128 -13.15 13.81 -30.01
C SER D 128 -13.47 12.56 -30.80
N VAL D 129 -14.59 12.60 -31.52
CA VAL D 129 -15.01 11.43 -32.31
C VAL D 129 -15.08 11.74 -33.80
N PHE D 130 -14.39 10.91 -34.60
CA PHE D 130 -14.25 11.18 -36.04
C PHE D 130 -14.81 10.07 -36.92
N PRO D 131 -15.44 10.43 -38.05
CA PRO D 131 -15.90 9.40 -38.98
C PRO D 131 -14.75 8.66 -39.64
N LEU D 132 -14.90 7.35 -39.82
CA LEU D 132 -14.01 6.59 -40.71
C LEU D 132 -14.89 6.00 -41.76
N ALA D 133 -15.09 6.77 -42.83
CA ALA D 133 -16.08 6.46 -43.84
C ALA D 133 -15.51 5.51 -44.89
N PRO D 134 -16.38 4.65 -45.46
CA PRO D 134 -15.99 3.67 -46.46
C PRO D 134 -15.71 4.33 -47.81
N SER D 135 -14.71 3.81 -48.51
CA SER D 135 -14.37 4.33 -49.83
C SER D 135 -15.07 3.47 -50.85
N SER D 136 -15.19 3.98 -52.07
CA SER D 136 -15.72 3.17 -53.16
C SER D 136 -14.78 2.03 -53.62
N LYS D 137 -15.14 0.82 -53.21
CA LYS D 137 -14.60 -0.42 -53.75
C LYS D 137 -15.67 -1.11 -54.63
N SER D 138 -16.17 -2.26 -54.19
CA SER D 138 -17.17 -3.02 -54.97
C SER D 138 -18.12 -3.82 -54.08
N GLY D 142 -20.16 -6.95 -53.01
CA GLY D 142 -19.13 -7.38 -52.05
C GLY D 142 -19.31 -6.81 -50.65
N THR D 143 -18.19 -6.54 -49.98
CA THR D 143 -18.18 -6.08 -48.58
C THR D 143 -17.35 -4.81 -48.35
N ALA D 144 -17.76 -4.01 -47.39
CA ALA D 144 -17.15 -2.71 -47.13
C ALA D 144 -17.03 -2.41 -45.63
N ALA D 145 -15.98 -1.68 -45.29
CA ALA D 145 -15.66 -1.37 -43.88
C ALA D 145 -15.84 0.11 -43.52
N LEU D 146 -16.32 0.36 -42.31
CA LEU D 146 -16.49 1.73 -41.80
C LEU D 146 -16.28 1.76 -40.32
N GLY D 147 -16.04 2.95 -39.77
CA GLY D 147 -15.86 3.05 -38.32
C GLY D 147 -15.83 4.44 -37.71
N CYS D 148 -15.37 4.48 -36.45
CA CYS D 148 -15.24 5.70 -35.67
C CYS D 148 -13.83 5.83 -35.09
N LEU D 149 -13.31 7.04 -35.06
CA LEU D 149 -12.05 7.31 -34.41
C LEU D 149 -12.23 8.12 -33.14
N VAL D 150 -11.95 7.48 -32.02
CA VAL D 150 -12.09 8.12 -30.73
C VAL D 150 -10.72 8.64 -30.34
N LYS D 151 -10.56 9.96 -30.39
CA LYS D 151 -9.25 10.56 -30.22
C LYS D 151 -9.08 11.47 -29.01
N ASP D 152 -7.93 11.32 -28.36
CA ASP D 152 -7.41 12.23 -27.32
C ASP D 152 -8.26 12.28 -26.05
N TYR D 153 -8.35 11.17 -25.34
CA TYR D 153 -9.08 11.16 -24.08
C TYR D 153 -8.27 10.60 -22.95
N PHE D 154 -8.70 10.92 -21.74
CA PHE D 154 -8.08 10.44 -20.53
C PHE D 154 -9.04 10.57 -19.37
N PRO D 155 -9.13 9.54 -18.52
CA PRO D 155 -8.39 8.29 -18.62
C PRO D 155 -9.21 7.27 -19.39
N GLU D 156 -8.80 6.01 -19.29
CA GLU D 156 -9.64 4.90 -19.69
C GLU D 156 -10.78 4.83 -18.67
N PRO D 157 -11.92 4.22 -19.04
CA PRO D 157 -12.26 3.58 -20.32
C PRO D 157 -13.14 4.44 -21.21
N VAL D 158 -13.30 4.01 -22.45
CA VAL D 158 -14.28 4.56 -23.37
C VAL D 158 -15.15 3.40 -23.81
N THR D 159 -16.46 3.65 -23.95
CA THR D 159 -17.43 2.63 -24.34
C THR D 159 -17.97 2.93 -25.72
N VAL D 160 -17.72 2.03 -26.65
CA VAL D 160 -18.25 2.16 -28.01
C VAL D 160 -19.31 1.09 -28.30
N SER D 161 -20.46 1.53 -28.80
CA SER D 161 -21.51 0.62 -29.24
C SER D 161 -21.96 1.05 -30.63
N TRP D 162 -22.45 0.12 -31.45
CA TRP D 162 -23.01 0.48 -32.76
C TRP D 162 -24.54 0.27 -32.80
N ASN D 163 -25.26 1.34 -33.17
CA ASN D 163 -26.73 1.32 -33.22
C ASN D 163 -27.38 0.86 -31.90
N SER D 164 -27.06 1.56 -30.81
CA SER D 164 -27.59 1.27 -29.46
C SER D 164 -27.34 -0.17 -28.99
N GLY D 165 -26.52 -0.91 -29.74
CA GLY D 165 -26.23 -2.31 -29.43
C GLY D 165 -26.87 -3.32 -30.36
N ALA D 166 -27.73 -2.84 -31.27
CA ALA D 166 -28.43 -3.70 -32.24
C ALA D 166 -27.51 -4.38 -33.26
N LEU D 167 -26.28 -3.86 -33.37
CA LEU D 167 -25.29 -4.39 -34.31
C LEU D 167 -24.03 -4.90 -33.61
N THR D 168 -23.78 -6.21 -33.74
CA THR D 168 -22.61 -6.84 -33.11
C THR D 168 -21.78 -7.68 -34.07
N SER D 169 -22.29 -7.97 -35.27
CA SER D 169 -21.54 -8.74 -36.24
C SER D 169 -20.42 -7.92 -36.86
N GLY D 170 -19.21 -8.48 -36.80
CA GLY D 170 -18.03 -7.90 -37.45
C GLY D 170 -17.53 -6.63 -36.79
N VAL D 171 -17.95 -6.44 -35.53
CA VAL D 171 -17.59 -5.24 -34.79
C VAL D 171 -16.30 -5.47 -34.01
N HIS D 172 -15.28 -4.69 -34.35
CA HIS D 172 -13.99 -4.78 -33.67
C HIS D 172 -13.63 -3.46 -32.99
N THR D 173 -13.67 -3.46 -31.66
CA THR D 173 -13.21 -2.31 -30.91
C THR D 173 -11.78 -2.57 -30.43
N PHE D 174 -10.84 -1.76 -30.90
CA PHE D 174 -9.44 -2.03 -30.63
C PHE D 174 -9.03 -1.58 -29.24
N PRO D 175 -8.16 -2.37 -28.58
CA PRO D 175 -7.44 -1.85 -27.40
C PRO D 175 -6.99 -0.40 -27.61
N ALA D 176 -7.13 0.44 -26.60
CA ALA D 176 -6.68 1.83 -26.73
C ALA D 176 -5.15 1.90 -26.74
N VAL D 177 -4.62 2.98 -27.31
CA VAL D 177 -3.19 3.19 -27.33
C VAL D 177 -2.86 4.47 -26.60
N LEU D 178 -1.92 4.39 -25.66
CA LEU D 178 -1.40 5.56 -24.98
C LEU D 178 -0.48 6.30 -25.95
N GLN D 179 -0.84 7.52 -26.29
CA GLN D 179 -0.07 8.32 -27.24
C GLN D 179 1.11 9.00 -26.59
N SER D 180 1.92 9.66 -27.43
CA SER D 180 3.10 10.43 -27.00
C SER D 180 2.67 11.59 -26.12
N SER D 181 1.54 12.19 -26.50
CA SER D 181 0.92 13.31 -25.79
C SER D 181 0.50 12.94 -24.37
N GLY D 182 0.34 11.66 -24.10
CA GLY D 182 -0.10 11.20 -22.79
C GLY D 182 -1.58 10.91 -22.78
N LEU D 183 -2.24 11.06 -23.93
CA LEU D 183 -3.66 10.77 -24.05
C LEU D 183 -3.91 9.41 -24.70
N TYR D 184 -5.12 8.87 -24.52
CA TYR D 184 -5.50 7.60 -25.16
C TYR D 184 -6.23 7.83 -26.46
N SER D 185 -6.23 6.80 -27.31
CA SER D 185 -6.91 6.82 -28.60
C SER D 185 -7.27 5.41 -29.04
N LEU D 186 -8.46 5.24 -29.59
CA LEU D 186 -8.85 3.95 -30.12
C LEU D 186 -9.75 4.09 -31.32
N SER D 187 -9.94 2.98 -32.00
CA SER D 187 -10.83 2.92 -33.12
C SER D 187 -11.85 1.79 -32.97
N SER D 188 -13.11 2.06 -33.27
CA SER D 188 -14.09 0.99 -33.44
C SER D 188 -14.51 0.92 -34.88
N VAL D 189 -14.57 -0.31 -35.38
CA VAL D 189 -14.78 -0.53 -36.78
C VAL D 189 -15.74 -1.68 -36.97
N VAL D 190 -16.37 -1.73 -38.13
CA VAL D 190 -17.34 -2.79 -38.44
C VAL D 190 -17.44 -3.00 -39.94
N THR D 191 -17.55 -4.25 -40.37
CA THR D 191 -17.63 -4.56 -41.81
C THR D 191 -19.06 -4.95 -42.18
N VAL D 192 -19.54 -4.41 -43.29
CA VAL D 192 -20.94 -4.61 -43.71
C VAL D 192 -21.02 -4.92 -45.21
N PRO D 193 -22.17 -5.48 -45.66
CA PRO D 193 -22.39 -5.63 -47.11
C PRO D 193 -22.41 -4.28 -47.86
N SER D 194 -22.05 -4.31 -49.14
CA SER D 194 -21.95 -3.09 -49.94
C SER D 194 -23.30 -2.54 -50.38
N SER D 195 -24.26 -3.44 -50.60
CA SER D 195 -25.60 -3.06 -51.01
C SER D 195 -26.40 -2.36 -49.89
N SER D 196 -26.00 -2.57 -48.64
CA SER D 196 -26.69 -1.97 -47.48
C SER D 196 -26.32 -0.51 -47.23
N LEU D 197 -25.19 -0.07 -47.80
CA LEU D 197 -24.80 1.33 -47.76
C LEU D 197 -25.84 2.21 -48.45
N GLY D 198 -26.21 3.30 -47.80
CA GLY D 198 -27.29 4.15 -48.30
C GLY D 198 -28.56 3.88 -47.53
N THR D 199 -29.01 2.62 -47.54
CA THR D 199 -30.27 2.23 -46.88
C THR D 199 -30.14 1.81 -45.40
N GLN D 200 -28.92 1.58 -44.94
CA GLN D 200 -28.66 1.28 -43.52
C GLN D 200 -27.84 2.37 -42.84
N THR D 201 -28.40 2.97 -41.80
CA THR D 201 -27.67 3.99 -41.03
C THR D 201 -26.71 3.32 -40.10
N TYR D 202 -25.52 3.88 -39.99
CA TYR D 202 -24.55 3.38 -39.00
C TYR D 202 -24.11 4.47 -38.02
N ILE D 203 -24.49 4.29 -36.77
CA ILE D 203 -24.22 5.26 -35.73
C ILE D 203 -23.35 4.56 -34.70
N CYS D 204 -22.20 5.15 -34.37
CA CYS D 204 -21.44 4.63 -33.25
C CYS D 204 -21.70 5.43 -31.98
N ASN D 205 -21.86 4.70 -30.87
CA ASN D 205 -22.25 5.26 -29.58
C ASN D 205 -21.07 5.26 -28.61
N VAL D 206 -20.41 6.42 -28.54
CA VAL D 206 -19.22 6.60 -27.74
C VAL D 206 -19.57 7.20 -26.38
N ASN D 207 -19.11 6.54 -25.33
CA ASN D 207 -19.38 6.98 -23.96
C ASN D 207 -18.11 7.03 -23.09
N HIS D 208 -17.68 8.23 -22.70
CA HIS D 208 -16.52 8.44 -21.80
C HIS D 208 -17.02 9.14 -20.53
N LYS D 209 -17.43 8.32 -19.57
CA LYS D 209 -18.05 8.81 -18.33
C LYS D 209 -17.16 9.68 -17.43
N PRO D 210 -15.85 9.36 -17.31
CA PRO D 210 -14.96 10.26 -16.57
C PRO D 210 -15.15 11.74 -16.91
N SER D 211 -15.10 12.09 -18.19
CA SER D 211 -15.36 13.46 -18.62
C SER D 211 -16.85 13.69 -18.79
N ASN D 212 -17.63 12.61 -18.71
CA ASN D 212 -19.07 12.66 -18.93
C ASN D 212 -19.43 13.14 -20.34
N THR D 213 -18.78 12.53 -21.34
CA THR D 213 -19.12 12.77 -22.74
C THR D 213 -19.97 11.62 -23.25
N LYS D 214 -21.08 11.97 -23.88
CA LYS D 214 -21.96 10.99 -24.49
C LYS D 214 -22.22 11.42 -25.92
N VAL D 215 -21.56 10.76 -26.87
CA VAL D 215 -21.64 11.15 -28.26
C VAL D 215 -22.03 10.01 -29.18
N ASP D 216 -22.98 10.28 -30.05
CA ASP D 216 -23.46 9.31 -31.02
C ASP D 216 -23.31 9.91 -32.42
N LYS D 217 -22.27 9.47 -33.14
CA LYS D 217 -21.94 10.01 -34.46
C LYS D 217 -22.39 9.11 -35.61
N LYS D 218 -22.98 9.71 -36.64
CA LYS D 218 -23.42 8.97 -37.82
C LYS D 218 -22.31 8.91 -38.89
N VAL D 219 -22.04 7.72 -39.40
CA VAL D 219 -21.00 7.52 -40.41
C VAL D 219 -21.59 7.17 -41.76
N GLU D 220 -21.39 8.05 -42.74
CA GLU D 220 -21.90 7.88 -44.10
C GLU D 220 -20.74 8.13 -45.09
N PRO D 221 -20.87 7.71 -46.38
CA PRO D 221 -19.85 8.09 -47.37
C PRO D 221 -19.88 9.59 -47.70
N LYS D 222 -18.81 10.13 -48.29
CA LYS D 222 -18.74 11.56 -48.59
C LYS D 222 -18.72 11.92 -50.08
#